data_5KPP
#
_entry.id   5KPP
#
_cell.length_a   48.656
_cell.length_b   92.691
_cell.length_c   163.487
_cell.angle_alpha   90.00
_cell.angle_beta   90.00
_cell.angle_gamma   90.00
#
_symmetry.space_group_name_H-M   'P 21 21 21'
#
loop_
_entity.id
_entity.type
_entity.pdbx_description
1 polymer 'Poly [ADP-ribose] polymerase 1'
2 non-polymer 1-[[4-fluoranyl-3-[(3R)-3-methyl-4-[2,2,2-tris(fluoranyl)ethyl]piperazin-1-yl]carbonyl-phenyl]methyl]quinazoline-2,4-dione
3 water water
#
_entity_poly.entity_id   1
_entity_poly.type   'polypeptide(L)'
_entity_poly.pdbx_seq_one_letter_code
;KSKLPKPVQDLIKMIFDVESMKKAMVEYEIDLQKMPLGKLSKRQIQAAYSILSEVQQAVSQGSSDSQILDLSNRFYTLIP
HDFGMKKPPLLNNADSVQAKAEMLDNLLDIEVAYSLLRGGSDDSSKDPIDVNYEKLKTDIKVVDRDSEEAEIIRKYVKNT
HATTHNAYDLEVIDIFKIEREGECQRYKPFKQLHNRRLLWHGSRTTNFAGILSQGLRIAPPEAPVTGYMFGKGIYFADMV
SKSANYCHTSQGDPIGLILLGEVALGNMYELKHASHISKLPKGKHSVKGLGKTTPDPSANISLDGVDVPLGTGISSGVND
TSLLYNEYIVYDIAQVNLKYLLKLKFNFKT
;
_entity_poly.pdbx_strand_id   A,B
#
loop_
_chem_comp.id
_chem_comp.type
_chem_comp.name
_chem_comp.formula
6WZ non-polymer 1-[[4-fluoranyl-3-[(3R)-3-methyl-4-[2,2,2-tris(fluoranyl)ethyl]piperazin-1-yl]carbonyl-phenyl]methyl]quinazoline-2,4-dione 'C23 H22 F4 N4 O3'
#
# COMPACT_ATOMS: atom_id res chain seq x y z
N LYS A 1 -10.28 -4.21 52.29
CA LYS A 1 -11.56 -4.16 51.52
C LYS A 1 -11.61 -3.06 50.43
N SER A 2 -10.58 -2.20 50.36
CA SER A 2 -10.41 -1.19 49.30
C SER A 2 -11.45 -0.06 49.30
N LYS A 3 -10.97 1.17 49.34
CA LYS A 3 -11.82 2.36 49.39
C LYS A 3 -12.03 3.01 48.01
N LEU A 4 -11.57 2.35 46.94
CA LEU A 4 -11.82 2.83 45.57
C LEU A 4 -13.31 2.73 45.25
N PRO A 5 -13.83 3.66 44.42
CA PRO A 5 -15.24 3.54 43.95
C PRO A 5 -15.50 2.23 43.19
N LYS A 6 -16.71 1.69 43.35
CA LYS A 6 -17.09 0.42 42.69
C LYS A 6 -16.79 0.36 41.19
N PRO A 7 -17.18 1.42 40.44
CA PRO A 7 -16.85 1.42 39.00
C PRO A 7 -15.36 1.25 38.71
N VAL A 8 -14.52 1.93 39.48
CA VAL A 8 -13.07 1.77 39.34
C VAL A 8 -12.64 0.34 39.71
N GLN A 9 -13.22 -0.22 40.76
CA GLN A 9 -12.90 -1.61 41.18
C GLN A 9 -13.29 -2.64 40.11
N ASP A 10 -14.48 -2.48 39.53
CA ASP A 10 -14.96 -3.36 38.46
C ASP A 10 -14.14 -3.23 37.17
N LEU A 11 -13.64 -2.03 36.89
CA LEU A 11 -12.73 -1.81 35.76
C LEU A 11 -11.42 -2.59 35.95
N ILE A 12 -10.84 -2.50 37.14
CA ILE A 12 -9.58 -3.20 37.47
C ILE A 12 -9.73 -4.72 37.38
N LYS A 13 -10.85 -5.26 37.89
CA LYS A 13 -11.16 -6.70 37.75
C LYS A 13 -11.20 -7.09 36.28
N MET A 14 -11.90 -6.29 35.48
CA MET A 14 -12.08 -6.52 34.04
C MET A 14 -10.74 -6.64 33.32
N ILE A 15 -9.88 -5.63 33.47
CA ILE A 15 -8.65 -5.54 32.69
C ILE A 15 -7.54 -6.51 33.12
N PHE A 16 -7.57 -6.94 34.39
CA PHE A 16 -6.58 -7.92 34.89
C PHE A 16 -7.14 -9.35 34.97
N ASP A 17 -8.26 -9.61 34.28
CA ASP A 17 -8.88 -10.93 34.27
C ASP A 17 -8.02 -11.90 33.45
N VAL A 18 -7.49 -12.92 34.11
CA VAL A 18 -6.61 -13.92 33.49
C VAL A 18 -7.37 -14.81 32.49
N GLU A 19 -8.60 -15.17 32.83
CA GLU A 19 -9.42 -16.00 31.93
C GLU A 19 -9.75 -15.28 30.63
N SER A 20 -10.04 -13.99 30.72
CA SER A 20 -10.26 -13.13 29.54
C SER A 20 -9.05 -13.09 28.60
N MET A 21 -7.85 -13.05 29.18
CA MET A 21 -6.60 -13.06 28.40
C MET A 21 -6.48 -14.36 27.61
N LYS A 22 -6.74 -15.48 28.28
CA LYS A 22 -6.71 -16.81 27.66
C LYS A 22 -7.75 -16.93 26.55
N LYS A 23 -8.95 -16.41 26.83
CA LYS A 23 -10.04 -16.38 25.84
C LYS A 23 -9.63 -15.61 24.58
N ALA A 24 -8.95 -14.48 24.76
CA ALA A 24 -8.44 -13.71 23.63
C ALA A 24 -7.42 -14.53 22.82
N MET A 25 -6.53 -15.23 23.51
CA MET A 25 -5.52 -16.06 22.85
C MET A 25 -6.16 -17.14 21.97
N VAL A 26 -7.15 -17.86 22.50
CA VAL A 26 -7.82 -18.92 21.72
C VAL A 26 -8.67 -18.36 20.56
N GLU A 27 -9.22 -17.16 20.70
CA GLU A 27 -9.85 -16.45 19.57
C GLU A 27 -8.88 -16.22 18.42
N TYR A 28 -7.60 -15.97 18.76
CA TYR A 28 -6.52 -15.90 17.77
C TYR A 28 -5.87 -17.28 17.47
N GLU A 29 -6.60 -18.37 17.76
CA GLU A 29 -6.26 -19.72 17.34
C GLU A 29 -4.95 -20.28 17.90
N ILE A 30 -4.51 -19.73 19.04
CA ILE A 30 -3.27 -20.16 19.71
C ILE A 30 -3.58 -21.40 20.53
N ASP A 31 -2.60 -22.31 20.62
CA ASP A 31 -2.69 -23.48 21.49
C ASP A 31 -2.13 -23.14 22.88
N LEU A 32 -3.03 -23.00 23.85
CA LEU A 32 -2.65 -22.70 25.24
C LEU A 32 -1.89 -23.84 25.94
N GLN A 33 -2.09 -25.07 25.49
CA GLN A 33 -1.35 -26.22 26.03
C GLN A 33 0.16 -26.16 25.69
N LYS A 34 0.50 -25.65 24.50
CA LYS A 34 1.89 -25.48 24.07
C LYS A 34 2.43 -24.07 24.35
N MET A 35 1.61 -23.04 24.09
CA MET A 35 1.98 -21.65 24.39
C MET A 35 0.98 -21.07 25.41
N PRO A 36 1.13 -21.46 26.70
CA PRO A 36 0.28 -20.86 27.73
C PRO A 36 0.67 -19.43 28.05
N LEU A 37 -0.20 -18.78 28.82
CA LEU A 37 -0.03 -17.37 29.19
C LEU A 37 1.30 -17.12 29.89
N GLY A 38 1.67 -18.02 30.81
CA GLY A 38 2.95 -17.96 31.52
C GLY A 38 4.20 -18.11 30.66
N LYS A 39 4.09 -18.90 29.58
CA LYS A 39 5.20 -19.09 28.63
C LYS A 39 5.44 -17.92 27.67
N LEU A 40 4.49 -16.98 27.62
CA LEU A 40 4.54 -15.85 26.68
C LEU A 40 5.66 -14.87 27.06
N SER A 41 6.45 -14.46 26.06
CA SER A 41 7.57 -13.54 26.26
C SER A 41 7.72 -12.56 25.10
N LYS A 42 8.38 -11.43 25.37
CA LYS A 42 8.59 -10.37 24.38
C LYS A 42 9.46 -10.82 23.22
N ARG A 43 10.56 -11.52 23.52
CA ARG A 43 11.51 -11.92 22.47
C ARG A 43 10.93 -12.96 21.51
N GLN A 44 10.03 -13.81 22.00
CA GLN A 44 9.29 -14.74 21.14
C GLN A 44 8.25 -14.01 20.27
N ILE A 45 7.57 -13.00 20.84
CA ILE A 45 6.65 -12.16 20.06
C ILE A 45 7.41 -11.37 19.00
N GLN A 46 8.55 -10.80 19.37
CA GLN A 46 9.40 -10.06 18.42
C GLN A 46 9.95 -10.97 17.32
N ALA A 47 10.37 -12.17 17.69
CA ALA A 47 10.87 -13.15 16.72
C ALA A 47 9.75 -13.58 15.76
N ALA A 48 8.54 -13.74 16.29
CA ALA A 48 7.36 -14.02 15.47
C ALA A 48 7.06 -12.88 14.49
N TYR A 49 7.17 -11.64 14.95
CA TYR A 49 7.05 -10.47 14.06
C TYR A 49 8.05 -10.52 12.89
N SER A 50 9.31 -10.86 13.19
CA SER A 50 10.38 -10.96 12.17
C SER A 50 10.12 -12.05 11.12
N ILE A 51 9.65 -13.22 11.57
CA ILE A 51 9.28 -14.29 10.64
C ILE A 51 8.09 -13.85 9.77
N LEU A 52 7.17 -13.11 10.38
CA LEU A 52 6.03 -12.55 9.65
C LEU A 52 6.47 -11.49 8.64
N SER A 53 7.51 -10.73 8.99
CA SER A 53 8.16 -9.82 8.04
C SER A 53 8.86 -10.53 6.86
N GLU A 54 9.39 -11.74 7.09
CA GLU A 54 9.91 -12.54 5.98
C GLU A 54 8.80 -13.04 5.07
N VAL A 55 7.64 -13.39 5.64
CA VAL A 55 6.49 -13.81 4.85
C VAL A 55 5.98 -12.64 3.99
N GLN A 56 5.94 -11.45 4.59
CA GLN A 56 5.63 -10.19 3.89
C GLN A 56 6.54 -9.96 2.67
N GLN A 57 7.83 -10.27 2.82
CA GLN A 57 8.82 -10.13 1.76
C GLN A 57 8.50 -11.05 0.58
N ALA A 58 8.32 -12.33 0.88
CA ALA A 58 8.03 -13.36 -0.13
C ALA A 58 6.71 -13.15 -0.87
N VAL A 59 5.69 -12.63 -0.17
CA VAL A 59 4.38 -12.34 -0.78
C VAL A 59 4.48 -11.18 -1.78
N SER A 60 5.24 -10.14 -1.44
CA SER A 60 5.43 -8.98 -2.32
C SER A 60 6.17 -9.29 -3.63
N GLN A 61 6.97 -10.35 -3.65
CA GLN A 61 7.77 -10.72 -4.82
C GLN A 61 7.44 -12.11 -5.39
N GLY A 62 6.20 -12.56 -5.22
CA GLY A 62 5.74 -13.86 -5.74
C GLY A 62 6.52 -15.06 -5.24
N SER A 64 5.64 -18.37 -4.69
CA SER A 64 5.25 -19.78 -4.89
C SER A 64 4.80 -20.42 -3.58
N ASP A 65 3.85 -21.34 -3.67
CA ASP A 65 3.40 -22.12 -2.50
C ASP A 65 4.46 -23.10 -1.98
N SER A 66 5.39 -23.50 -2.84
CA SER A 66 6.52 -24.36 -2.44
C SER A 66 7.47 -23.64 -1.49
N GLN A 67 7.90 -22.44 -1.87
CA GLN A 67 8.87 -21.67 -1.09
C GLN A 67 8.26 -20.98 0.14
N ILE A 68 6.99 -20.57 0.03
CA ILE A 68 6.24 -19.98 1.16
C ILE A 68 6.06 -20.97 2.32
N LEU A 69 5.83 -22.25 2.00
CA LEU A 69 5.61 -23.30 3.01
C LEU A 69 6.60 -23.23 4.16
N ASP A 70 7.89 -23.15 3.83
CA ASP A 70 8.97 -23.07 4.82
C ASP A 70 8.78 -21.88 5.75
N LEU A 71 8.54 -20.71 5.15
CA LEU A 71 8.33 -19.46 5.90
C LEU A 71 7.09 -19.53 6.79
N SER A 72 6.01 -20.10 6.26
CA SER A 72 4.75 -20.26 6.99
C SER A 72 4.92 -21.19 8.18
N ASN A 73 5.54 -22.34 7.94
CA ASN A 73 5.83 -23.31 9.01
C ASN A 73 6.70 -22.72 10.13
N ARG A 74 7.70 -21.93 9.75
CA ARG A 74 8.59 -21.29 10.72
C ARG A 74 7.83 -20.35 11.67
N PHE A 75 6.81 -19.66 11.16
CA PHE A 75 5.94 -18.82 11.98
C PHE A 75 5.17 -19.64 13.02
N TYR A 76 4.61 -20.76 12.60
CA TYR A 76 3.88 -21.66 13.52
C TYR A 76 4.78 -22.37 14.55
N THR A 77 6.05 -22.52 14.24
CA THR A 77 7.03 -23.02 15.20
C THR A 77 7.17 -22.06 16.39
N LEU A 78 7.24 -20.76 16.11
CA LEU A 78 7.42 -19.76 17.15
C LEU A 78 6.15 -19.50 17.94
N ILE A 79 5.01 -19.45 17.25
CA ILE A 79 3.70 -19.26 17.89
C ILE A 79 2.81 -20.48 17.59
N PRO A 80 2.81 -21.49 18.49
CA PRO A 80 1.96 -22.69 18.33
C PRO A 80 0.47 -22.38 18.19
N HIS A 81 -0.13 -22.86 17.10
CA HIS A 81 -1.57 -22.73 16.89
C HIS A 81 -2.28 -24.06 17.20
N ASP A 82 -3.58 -23.98 17.41
CA ASP A 82 -4.39 -25.12 17.82
C ASP A 82 -4.99 -25.82 16.59
N PHE A 83 -4.30 -26.86 16.13
CA PHE A 83 -4.77 -27.67 14.98
C PHE A 83 -4.62 -29.21 15.14
N GLY A 84 -4.22 -29.70 16.32
CA GLY A 84 -4.06 -31.15 16.56
C GLY A 84 -2.89 -31.76 15.79
N MET A 85 -3.16 -32.85 15.06
CA MET A 85 -2.21 -33.38 14.05
C MET A 85 -2.47 -32.79 12.65
N LYS A 86 -3.14 -31.64 12.65
CA LYS A 86 -2.90 -30.48 11.78
C LYS A 86 -2.59 -30.61 10.26
N LYS A 87 -1.37 -30.29 9.86
CA LYS A 87 -1.09 -29.46 8.67
C LYS A 87 -1.91 -28.16 8.74
N PRO A 88 -1.33 -27.08 9.33
CA PRO A 88 -2.06 -25.80 9.46
C PRO A 88 -2.22 -25.07 8.12
N PRO A 89 -3.07 -24.02 8.08
CA PRO A 89 -3.27 -23.28 6.83
C PRO A 89 -2.05 -22.45 6.42
N LEU A 90 -1.86 -22.29 5.12
CA LEU A 90 -0.68 -21.63 4.56
C LEU A 90 -0.81 -20.11 4.66
N LEU A 91 0.23 -19.46 5.16
CA LEU A 91 0.28 -17.99 5.22
C LEU A 91 0.94 -17.47 3.94
N ASN A 92 0.10 -17.05 2.98
CA ASN A 92 0.56 -16.75 1.61
C ASN A 92 0.02 -15.45 0.97
N ASN A 93 -0.62 -14.59 1.76
CA ASN A 93 -1.21 -13.35 1.22
C ASN A 93 -1.18 -12.20 2.22
N ALA A 94 -1.58 -11.01 1.75
CA ALA A 94 -1.59 -9.81 2.59
C ALA A 94 -2.54 -9.87 3.79
N ASP A 95 -3.65 -10.58 3.64
CA ASP A 95 -4.61 -10.78 4.74
C ASP A 95 -4.01 -11.60 5.87
N SER A 96 -3.34 -12.70 5.51
CA SER A 96 -2.61 -13.53 6.45
C SER A 96 -1.59 -12.73 7.27
N VAL A 97 -0.89 -11.81 6.61
CA VAL A 97 0.08 -10.92 7.26
C VAL A 97 -0.63 -10.00 8.26
N GLN A 98 -1.70 -9.34 7.80
CA GLN A 98 -2.49 -8.42 8.63
C GLN A 98 -3.15 -9.13 9.81
N ALA A 99 -3.67 -10.34 9.58
CA ALA A 99 -4.36 -11.10 10.63
C ALA A 99 -3.42 -11.56 11.75
N LYS A 100 -2.24 -12.05 11.38
CA LYS A 100 -1.23 -12.46 12.37
C LYS A 100 -0.56 -11.26 13.02
N ALA A 101 -0.40 -10.16 12.27
CA ALA A 101 0.09 -8.91 12.85
C ALA A 101 -0.84 -8.41 13.96
N GLU A 102 -2.15 -8.55 13.75
CA GLU A 102 -3.15 -8.19 14.76
C GLU A 102 -3.06 -9.07 16.01
N MET A 103 -2.85 -10.38 15.80
CA MET A 103 -2.64 -11.32 16.90
C MET A 103 -1.44 -10.92 17.77
N LEU A 104 -0.30 -10.66 17.12
CA LEU A 104 0.93 -10.32 17.86
C LEU A 104 0.82 -8.97 18.57
N ASP A 105 0.11 -8.01 17.97
CA ASP A 105 -0.19 -6.74 18.63
C ASP A 105 -0.89 -6.98 19.97
N ASN A 106 -1.87 -7.88 19.96
CA ASN A 106 -2.63 -8.23 21.16
C ASN A 106 -1.80 -9.00 22.19
N LEU A 107 -0.98 -9.95 21.73
CA LEU A 107 -0.06 -10.67 22.61
C LEU A 107 0.95 -9.76 23.32
N LEU A 108 1.45 -8.74 22.63
CA LEU A 108 2.34 -7.73 23.25
C LEU A 108 1.73 -7.10 24.50
N ASP A 109 0.48 -6.64 24.38
CA ASP A 109 -0.22 -6.00 25.51
C ASP A 109 -0.69 -7.01 26.56
N ILE A 110 -1.07 -8.22 26.13
CA ILE A 110 -1.41 -9.29 27.07
C ILE A 110 -0.19 -9.68 27.93
N GLU A 111 0.97 -9.82 27.31
CA GLU A 111 2.22 -10.13 28.02
C GLU A 111 2.51 -9.10 29.11
N VAL A 112 2.35 -7.81 28.78
CA VAL A 112 2.56 -6.72 29.73
C VAL A 112 1.65 -6.88 30.94
N ALA A 113 0.36 -7.13 30.68
CA ALA A 113 -0.65 -7.30 31.74
C ALA A 113 -0.31 -8.45 32.68
N TYR A 114 0.08 -9.58 32.11
CA TYR A 114 0.44 -10.76 32.88
C TYR A 114 1.76 -10.57 33.64
N SER A 115 2.71 -9.84 33.06
CA SER A 115 4.00 -9.57 33.72
C SER A 115 3.84 -8.68 34.95
N LEU A 116 2.95 -7.69 34.88
CA LEU A 116 2.61 -6.88 36.06
C LEU A 116 1.97 -7.74 37.15
N LEU A 117 1.12 -8.66 36.74
CA LEU A 117 0.40 -9.55 37.64
C LEU A 117 1.33 -10.54 38.34
N ARG A 118 2.38 -10.98 37.65
CA ARG A 118 3.34 -11.97 38.18
C ARG A 118 4.64 -11.36 38.73
N GLY A 119 4.92 -10.11 38.39
CA GLY A 119 5.92 -9.32 39.11
C GLY A 119 5.31 -8.81 40.40
N GLY A 120 6.04 -7.95 41.09
CA GLY A 120 5.53 -7.33 42.31
C GLY A 120 5.47 -8.27 43.51
N SER A 121 4.87 -7.76 44.59
CA SER A 121 4.89 -8.42 45.88
C SER A 121 3.54 -9.03 46.25
N ASP A 122 3.55 -9.91 47.25
CA ASP A 122 2.38 -10.64 47.68
C ASP A 122 2.06 -10.32 49.15
N ASP A 123 0.99 -9.57 49.36
CA ASP A 123 0.52 -9.21 50.70
C ASP A 123 -1.00 -9.40 50.80
N SER A 124 -1.41 -10.46 51.50
CA SER A 124 -2.84 -10.77 51.69
C SER A 124 -3.60 -9.82 52.63
N SER A 125 -2.90 -8.94 53.34
CA SER A 125 -3.53 -7.86 54.10
C SER A 125 -4.13 -6.77 53.19
N LYS A 126 -3.50 -6.52 52.05
CA LYS A 126 -4.02 -5.53 51.07
C LYS A 126 -5.04 -6.17 50.13
N ASP A 127 -5.99 -5.37 49.68
CA ASP A 127 -6.96 -5.81 48.68
C ASP A 127 -6.24 -5.89 47.33
N PRO A 128 -6.25 -7.06 46.66
CA PRO A 128 -5.60 -7.15 45.34
C PRO A 128 -6.08 -6.12 44.30
N ILE A 129 -7.31 -5.62 44.45
CA ILE A 129 -7.83 -4.56 43.59
C ILE A 129 -6.93 -3.33 43.69
N ASP A 130 -6.63 -2.92 44.93
CA ASP A 130 -5.70 -1.79 45.18
C ASP A 130 -4.29 -2.09 44.70
N VAL A 131 -3.84 -3.33 44.90
CA VAL A 131 -2.51 -3.74 44.46
C VAL A 131 -2.40 -3.60 42.94
N ASN A 132 -3.35 -4.21 42.24
CA ASN A 132 -3.37 -4.15 40.77
C ASN A 132 -3.61 -2.74 40.23
N TYR A 133 -4.40 -1.94 40.94
CA TYR A 133 -4.61 -0.54 40.57
C TYR A 133 -3.30 0.23 40.53
N GLU A 134 -2.47 0.06 41.57
CA GLU A 134 -1.17 0.75 41.67
C GLU A 134 -0.20 0.40 40.54
N LYS A 135 -0.33 -0.80 39.98
CA LYS A 135 0.52 -1.24 38.88
C LYS A 135 0.27 -0.51 37.56
N LEU A 136 -0.91 0.09 37.41
CA LEU A 136 -1.24 0.86 36.20
C LEU A 136 -0.55 2.22 36.13
N LYS A 137 -0.12 2.74 37.28
CA LYS A 137 0.54 4.05 37.37
C LYS A 137 -0.31 5.10 36.66
N THR A 138 -1.60 5.06 36.95
CA THR A 138 -2.61 5.87 36.28
C THR A 138 -3.66 6.27 37.30
N ASP A 139 -3.89 7.57 37.46
CA ASP A 139 -4.96 8.08 38.32
C ASP A 139 -6.29 7.92 37.58
N ILE A 140 -7.22 7.16 38.14
CA ILE A 140 -8.55 6.94 37.56
C ILE A 140 -9.63 7.48 38.50
N LYS A 141 -10.41 8.43 38.01
CA LYS A 141 -11.50 9.04 38.76
C LYS A 141 -12.80 8.86 37.98
N VAL A 142 -13.91 8.72 38.69
CA VAL A 142 -15.22 8.61 38.05
C VAL A 142 -15.70 10.02 37.72
N VAL A 143 -16.11 10.23 36.47
CA VAL A 143 -16.73 11.48 36.05
C VAL A 143 -18.21 11.47 36.46
N ASP A 144 -18.64 12.54 37.13
CA ASP A 144 -20.04 12.68 37.56
C ASP A 144 -20.95 12.79 36.35
N ARG A 145 -22.07 12.07 36.39
CA ARG A 145 -23.00 11.98 35.24
C ARG A 145 -23.68 13.30 34.84
N ASP A 146 -23.83 14.22 35.78
CA ASP A 146 -24.45 15.54 35.50
C ASP A 146 -23.43 16.66 35.20
N SER A 147 -22.15 16.35 35.16
CA SER A 147 -21.12 17.35 34.84
C SER A 147 -21.16 17.77 33.36
N GLU A 148 -20.42 18.84 33.05
CA GLU A 148 -20.35 19.39 31.69
C GLU A 148 -19.65 18.40 30.75
N GLU A 149 -18.47 17.95 31.14
CA GLU A 149 -17.67 17.03 30.33
C GLU A 149 -18.39 15.70 30.06
N ALA A 150 -19.19 15.23 31.02
CA ALA A 150 -20.03 14.04 30.83
C ALA A 150 -21.07 14.22 29.74
N GLU A 151 -21.72 15.38 29.72
CA GLU A 151 -22.73 15.71 28.69
C GLU A 151 -22.14 15.78 27.29
N ILE A 152 -20.96 16.39 27.17
CA ILE A 152 -20.21 16.47 25.92
C ILE A 152 -19.78 15.07 25.44
N ILE A 153 -19.30 14.23 26.36
CA ILE A 153 -18.86 12.88 26.02
C ILE A 153 -20.05 12.02 25.55
N ARG A 154 -21.16 12.05 26.28
CA ARG A 154 -22.36 11.30 25.88
C ARG A 154 -22.91 11.77 24.53
N LYS A 155 -22.80 13.07 24.24
CA LYS A 155 -23.23 13.62 22.95
C LYS A 155 -22.34 13.16 21.80
N TYR A 156 -21.05 12.96 22.08
CA TYR A 156 -20.09 12.43 21.12
C TYR A 156 -20.44 10.97 20.76
N VAL A 157 -20.81 10.20 21.78
CA VAL A 157 -21.24 8.81 21.59
C VAL A 157 -22.58 8.74 20.86
N LYS A 158 -23.51 9.61 21.26
CA LYS A 158 -24.85 9.66 20.70
C LYS A 158 -24.87 10.08 19.23
N ASN A 159 -24.02 11.04 18.85
CA ASN A 159 -24.07 11.65 17.51
C ASN A 159 -23.27 10.95 16.41
N THR A 160 -22.26 10.18 16.78
CA THR A 160 -21.31 9.63 15.81
C THR A 160 -21.35 8.11 15.68
N HIS A 161 -22.54 7.54 15.82
CA HIS A 161 -22.74 6.10 15.62
C HIS A 161 -23.17 5.95 14.17
N ALA A 162 -22.35 5.24 13.38
CA ALA A 162 -22.57 5.16 11.93
C ALA A 162 -23.76 4.28 11.61
N THR A 163 -24.49 4.64 10.55
CA THR A 163 -25.62 3.84 10.05
C THR A 163 -25.16 2.43 9.64
N THR A 164 -23.94 2.31 9.10
CA THR A 164 -23.37 0.99 8.76
C THR A 164 -22.97 0.10 9.96
N HIS A 165 -22.94 0.66 11.17
CA HIS A 165 -22.66 -0.11 12.38
C HIS A 165 -23.90 -0.18 13.29
N ASN A 166 -25.07 -0.38 12.69
CA ASN A 166 -26.35 -0.41 13.43
C ASN A 166 -26.80 -1.83 13.87
N ALA A 167 -25.91 -2.82 13.75
CA ALA A 167 -26.15 -4.15 14.30
C ALA A 167 -26.17 -4.16 15.84
N TYR A 168 -25.63 -3.09 16.44
CA TYR A 168 -25.75 -2.85 17.86
C TYR A 168 -25.98 -1.36 18.12
N ASP A 169 -26.41 -1.05 19.34
CA ASP A 169 -26.30 0.32 19.86
C ASP A 169 -25.49 0.29 21.14
N LEU A 170 -25.09 1.48 21.59
CA LEU A 170 -24.14 1.64 22.69
C LEU A 170 -24.77 2.32 23.89
N GLU A 171 -24.49 1.78 25.07
CA GLU A 171 -24.87 2.37 26.36
C GLU A 171 -23.60 2.72 27.11
N VAL A 172 -23.45 3.98 27.51
CA VAL A 172 -22.33 4.40 28.34
C VAL A 172 -22.67 4.00 29.77
N ILE A 173 -21.92 3.05 30.34
CA ILE A 173 -22.12 2.62 31.72
C ILE A 173 -21.36 3.56 32.67
N ASP A 174 -20.06 3.71 32.43
CA ASP A 174 -19.19 4.54 33.27
C ASP A 174 -18.30 5.40 32.40
N ILE A 175 -18.07 6.64 32.85
CA ILE A 175 -17.06 7.53 32.25
C ILE A 175 -15.98 7.75 33.31
N PHE A 176 -14.74 7.41 32.97
CA PHE A 176 -13.59 7.63 33.84
C PHE A 176 -12.68 8.70 33.24
N LYS A 177 -12.21 9.61 34.09
CA LYS A 177 -11.16 10.56 33.74
C LYS A 177 -9.86 9.87 34.12
N ILE A 178 -8.92 9.78 33.16
CA ILE A 178 -7.65 9.07 33.36
C ILE A 178 -6.44 9.96 33.11
N GLU A 179 -5.39 9.72 33.89
CA GLU A 179 -4.17 10.51 33.82
C GLU A 179 -2.99 9.57 34.09
N ARG A 180 -2.30 9.18 33.03
CA ARG A 180 -1.15 8.30 33.15
C ARG A 180 0.02 9.09 33.71
N GLU A 181 0.81 8.42 34.54
CA GLU A 181 1.93 9.04 35.22
C GLU A 181 3.00 9.44 34.20
N GLY A 182 3.32 10.74 34.17
CA GLY A 182 4.36 11.28 33.29
C GLY A 182 3.96 11.59 31.86
N GLU A 183 2.69 11.36 31.50
CA GLU A 183 2.23 11.55 30.12
C GLU A 183 2.03 13.03 29.78
N CYS A 184 1.53 13.80 30.74
CA CYS A 184 1.44 15.26 30.59
C CYS A 184 2.81 15.90 30.28
N GLN A 185 3.85 15.43 30.96
CA GLN A 185 5.22 15.89 30.73
C GLN A 185 5.72 15.43 29.35
N ARG A 186 5.38 14.20 28.97
CA ARG A 186 5.71 13.68 27.63
C ARG A 186 5.02 14.47 26.51
N TYR A 187 3.79 14.90 26.76
CA TYR A 187 2.98 15.62 25.77
C TYR A 187 3.40 17.08 25.55
N LYS A 188 4.17 17.65 26.49
CA LYS A 188 4.41 19.10 26.55
C LYS A 188 4.84 19.80 25.25
N PRO A 189 5.72 19.17 24.44
CA PRO A 189 6.08 19.76 23.12
C PRO A 189 4.92 19.95 22.12
N PHE A 190 3.85 19.19 22.27
CA PHE A 190 2.70 19.26 21.37
C PHE A 190 1.45 19.89 22.00
N LYS A 191 1.55 20.40 23.22
CA LYS A 191 0.37 20.82 23.98
C LYS A 191 -0.34 22.06 23.40
N GLN A 192 0.43 22.95 22.78
CA GLN A 192 -0.11 24.15 22.11
C GLN A 192 -0.11 24.03 20.58
N LEU A 193 0.07 22.81 20.06
CA LEU A 193 0.12 22.58 18.62
C LEU A 193 -1.28 22.72 18.04
N HIS A 194 -1.39 23.27 16.82
CA HIS A 194 -2.69 23.44 16.17
C HIS A 194 -3.26 22.09 15.75
N ASN A 195 -4.56 22.06 15.53
CA ASN A 195 -5.31 20.83 15.22
C ASN A 195 -5.10 19.71 16.27
N ARG A 196 -5.36 20.05 17.53
CA ARG A 196 -5.49 19.08 18.60
C ARG A 196 -6.95 18.66 18.67
N ARG A 197 -7.19 17.35 18.75
CA ARG A 197 -8.54 16.81 18.66
C ARG A 197 -8.76 15.63 19.61
N LEU A 198 -10.00 15.51 20.09
CA LEU A 198 -10.37 14.45 21.01
C LEU A 198 -10.99 13.32 20.21
N LEU A 199 -10.26 12.21 20.12
CA LEU A 199 -10.58 11.12 19.20
C LEU A 199 -10.67 9.79 19.93
N TRP A 200 -11.38 8.86 19.30
CA TRP A 200 -11.67 7.56 19.88
C TRP A 200 -10.57 6.56 19.57
N HIS A 201 -10.30 5.68 20.53
CA HIS A 201 -9.51 4.48 20.29
C HIS A 201 -10.16 3.32 21.01
N GLY A 202 -10.67 2.37 20.25
CA GLY A 202 -11.23 1.13 20.79
C GLY A 202 -10.21 0.02 20.74
N SER A 203 -10.22 -0.83 21.76
CA SER A 203 -9.37 -2.01 21.81
C SER A 203 -10.08 -3.04 22.65
N ARG A 204 -9.68 -4.30 22.53
CA ARG A 204 -10.29 -5.31 23.39
C ARG A 204 -9.78 -5.13 24.81
N THR A 205 -10.62 -5.50 25.78
CA THR A 205 -10.40 -5.18 27.20
C THR A 205 -9.07 -5.73 27.71
N THR A 206 -8.66 -6.85 27.12
CA THR A 206 -7.39 -7.51 27.44
C THR A 206 -6.12 -6.78 26.97
N ASN A 207 -6.25 -5.64 26.28
CA ASN A 207 -5.10 -4.78 25.97
C ASN A 207 -4.94 -3.62 26.96
N PHE A 208 -5.96 -3.33 27.76
CA PHE A 208 -6.02 -2.06 28.49
C PHE A 208 -5.06 -1.91 29.66
N ALA A 209 -4.70 -3.02 30.31
CA ALA A 209 -3.66 -2.99 31.36
C ALA A 209 -2.34 -2.54 30.76
N GLY A 210 -2.01 -3.09 29.59
CA GLY A 210 -0.83 -2.67 28.84
C GLY A 210 -0.90 -1.22 28.39
N ILE A 211 -2.04 -0.81 27.85
CA ILE A 211 -2.23 0.55 27.36
C ILE A 211 -2.16 1.57 28.51
N LEU A 212 -2.77 1.28 29.65
CA LEU A 212 -2.76 2.22 30.76
C LEU A 212 -1.40 2.26 31.48
N SER A 213 -0.67 1.14 31.53
CA SER A 213 0.67 1.14 32.14
C SER A 213 1.73 1.78 31.22
N GLN A 214 1.75 1.37 29.95
CA GLN A 214 2.76 1.82 28.98
C GLN A 214 2.31 2.96 28.05
N GLY A 215 1.02 3.28 28.03
CA GLY A 215 0.47 4.20 27.02
C GLY A 215 0.16 3.45 25.75
N LEU A 216 -0.52 4.14 24.84
CA LEU A 216 -0.71 3.63 23.48
C LEU A 216 0.65 3.61 22.80
N ARG A 217 1.08 2.43 22.38
CA ARG A 217 2.40 2.25 21.76
C ARG A 217 2.26 2.10 20.26
N ILE A 218 3.40 2.13 19.58
CA ILE A 218 3.48 1.87 18.15
C ILE A 218 3.99 0.45 18.00
N ALA A 219 3.57 -0.23 16.94
CA ALA A 219 4.07 -1.58 16.64
C ALA A 219 5.59 -1.54 16.41
N PRO A 220 6.34 -2.52 16.94
CA PRO A 220 7.80 -2.42 16.95
C PRO A 220 8.45 -2.53 15.55
N PRO A 221 9.78 -2.27 15.46
CA PRO A 221 10.53 -2.43 14.20
C PRO A 221 10.39 -3.80 13.52
N GLU A 222 10.28 -4.86 14.30
CA GLU A 222 10.11 -6.22 13.78
C GLU A 222 8.80 -6.44 13.00
N ALA A 223 7.76 -5.67 13.32
CA ALA A 223 6.44 -5.87 12.73
C ALA A 223 6.41 -5.51 11.24
N PRO A 224 5.63 -6.26 10.43
CA PRO A 224 5.53 -5.98 9.00
C PRO A 224 4.70 -4.73 8.71
N VAL A 225 5.34 -3.70 8.19
CA VAL A 225 4.67 -2.42 7.91
C VAL A 225 3.48 -2.54 6.94
N THR A 226 3.50 -3.55 6.06
CA THR A 226 2.39 -3.86 5.15
C THR A 226 1.16 -4.41 5.87
N GLY A 227 1.32 -4.89 7.10
CA GLY A 227 0.20 -5.29 7.94
C GLY A 227 -0.65 -4.17 8.52
N TYR A 228 -0.21 -2.92 8.34
CA TYR A 228 -0.89 -1.73 8.85
C TYR A 228 -1.15 -0.78 7.69
N MET A 229 -2.42 -0.41 7.48
CA MET A 229 -2.87 0.33 6.30
C MET A 229 -2.11 1.62 6.03
N PHE A 230 -1.81 2.37 7.09
CA PHE A 230 -1.03 3.61 6.99
C PHE A 230 0.30 3.53 7.75
N GLY A 231 0.91 2.35 7.74
CA GLY A 231 2.17 2.14 8.45
C GLY A 231 1.99 2.05 9.95
N LYS A 232 3.10 1.90 10.66
CA LYS A 232 3.10 1.61 12.09
C LYS A 232 2.98 2.86 12.94
N GLY A 233 1.74 3.20 13.29
CA GLY A 233 1.43 4.35 14.15
C GLY A 233 0.33 4.01 15.14
N ILE A 234 -0.25 5.04 15.74
CA ILE A 234 -1.38 4.90 16.67
C ILE A 234 -2.60 5.45 15.97
N TYR A 235 -3.64 4.61 15.81
CA TYR A 235 -4.81 4.91 14.98
C TYR A 235 -6.00 5.35 15.84
N PHE A 236 -6.68 6.42 15.42
CA PHE A 236 -7.88 6.93 16.09
C PHE A 236 -9.01 7.17 15.09
N ALA A 237 -10.24 7.27 15.59
CA ALA A 237 -11.41 7.61 14.75
C ALA A 237 -12.21 8.74 15.37
N ASP A 238 -12.97 9.46 14.54
CA ASP A 238 -13.93 10.48 15.01
C ASP A 238 -15.38 9.98 15.08
N MET A 239 -15.62 8.74 14.64
CA MET A 239 -16.92 8.07 14.80
C MET A 239 -16.76 7.00 15.87
N VAL A 240 -17.60 7.05 16.91
CA VAL A 240 -17.46 6.15 18.06
C VAL A 240 -17.63 4.68 17.68
N SER A 241 -18.54 4.41 16.74
CA SER A 241 -18.85 3.03 16.34
C SER A 241 -17.68 2.39 15.58
N LYS A 242 -16.96 3.18 14.79
CA LYS A 242 -15.75 2.69 14.12
C LYS A 242 -14.71 2.18 15.11
N SER A 243 -14.47 2.96 16.16
CA SER A 243 -13.58 2.53 17.23
C SER A 243 -14.21 1.38 18.05
N ALA A 244 -15.51 1.48 18.32
CA ALA A 244 -16.22 0.47 19.11
C ALA A 244 -16.18 -0.93 18.49
N ASN A 245 -16.15 -1.00 17.15
CA ASN A 245 -15.96 -2.27 16.44
C ASN A 245 -14.67 -3.02 16.82
N TYR A 246 -13.61 -2.28 17.15
CA TYR A 246 -12.33 -2.89 17.59
C TYR A 246 -12.29 -3.33 19.06
N CYS A 247 -13.40 -3.18 19.78
CA CYS A 247 -13.55 -3.82 21.08
C CYS A 247 -13.68 -5.35 20.97
N HIS A 248 -14.23 -5.83 19.85
CA HIS A 248 -14.47 -7.27 19.63
C HIS A 248 -15.36 -7.83 20.73
N THR A 249 -16.44 -7.10 21.02
CA THR A 249 -17.50 -7.56 21.91
C THR A 249 -18.45 -8.44 21.12
N SER A 250 -19.33 -9.12 21.84
CA SER A 250 -20.31 -10.03 21.23
C SER A 250 -21.45 -10.27 22.21
N GLN A 251 -22.40 -11.11 21.84
CA GLN A 251 -23.57 -11.39 22.69
C GLN A 251 -23.19 -12.06 24.01
N GLY A 252 -22.21 -12.96 23.96
CA GLY A 252 -21.66 -13.61 25.16
C GLY A 252 -20.44 -12.94 25.77
N ASP A 253 -20.17 -11.69 25.38
CA ASP A 253 -19.11 -10.87 25.99
C ASP A 253 -19.32 -9.40 25.61
N PRO A 254 -20.47 -8.81 26.04
CA PRO A 254 -20.92 -7.53 25.51
C PRO A 254 -20.42 -6.25 26.21
N ILE A 255 -19.54 -6.35 27.20
CA ILE A 255 -18.97 -5.18 27.87
C ILE A 255 -17.61 -4.85 27.25
N GLY A 256 -17.48 -3.62 26.76
CA GLY A 256 -16.22 -3.14 26.17
C GLY A 256 -15.73 -1.84 26.77
N LEU A 257 -14.48 -1.52 26.43
CA LEU A 257 -13.79 -0.30 26.87
C LEU A 257 -13.25 0.47 25.67
N ILE A 258 -13.37 1.80 25.73
CA ILE A 258 -12.93 2.68 24.65
C ILE A 258 -12.28 3.93 25.25
N LEU A 259 -11.17 4.37 24.65
CA LEU A 259 -10.45 5.57 25.07
C LEU A 259 -10.91 6.82 24.34
N LEU A 260 -10.83 7.96 25.04
CA LEU A 260 -10.83 9.28 24.40
C LEU A 260 -9.46 9.90 24.69
N GLY A 261 -8.71 10.17 23.63
CA GLY A 261 -7.36 10.74 23.74
C GLY A 261 -7.28 12.10 23.07
N GLU A 262 -6.48 12.99 23.66
CA GLU A 262 -6.10 14.24 23.00
C GLU A 262 -4.95 13.92 22.06
N VAL A 263 -5.17 14.19 20.78
CA VAL A 263 -4.24 13.81 19.72
C VAL A 263 -3.78 15.07 18.98
N ALA A 264 -2.48 15.35 19.05
CA ALA A 264 -1.88 16.49 18.36
C ALA A 264 -1.64 16.12 16.90
N LEU A 265 -2.58 16.49 16.04
CA LEU A 265 -2.53 16.13 14.62
C LEU A 265 -1.67 17.10 13.82
N GLY A 266 -1.77 18.40 14.13
CA GLY A 266 -1.00 19.41 13.42
C GLY A 266 -1.36 19.44 11.94
N ASN A 267 -0.33 19.45 11.10
CA ASN A 267 -0.47 19.47 9.65
C ASN A 267 -0.68 18.04 9.17
N MET A 268 -1.91 17.73 8.76
CA MET A 268 -2.32 16.38 8.42
C MET A 268 -1.97 16.04 6.98
N TYR A 269 -1.32 14.89 6.78
CA TYR A 269 -1.02 14.34 5.46
C TYR A 269 -2.21 13.47 5.02
N GLU A 270 -2.98 13.96 4.05
CA GLU A 270 -4.29 13.37 3.73
C GLU A 270 -4.15 12.31 2.65
N LEU A 271 -4.77 11.14 2.90
CA LEU A 271 -4.63 9.96 2.04
C LEU A 271 -5.96 9.25 1.86
N LYS A 272 -6.17 8.73 0.65
CA LYS A 272 -7.41 8.05 0.26
C LYS A 272 -7.28 6.53 0.22
N HIS A 273 -6.06 6.02 0.10
CA HIS A 273 -5.80 4.59 -0.05
C HIS A 273 -4.59 4.19 0.76
N ALA A 274 -4.38 2.88 0.88
CA ALA A 274 -3.29 2.34 1.71
C ALA A 274 -1.94 2.94 1.32
N SER A 275 -1.12 3.19 2.34
CA SER A 275 0.21 3.77 2.15
C SER A 275 1.10 3.38 3.32
N HIS A 276 1.90 2.33 3.13
CA HIS A 276 2.63 1.69 4.23
C HIS A 276 3.93 2.43 4.52
N ILE A 277 3.80 3.66 5.02
CA ILE A 277 4.96 4.55 5.21
C ILE A 277 5.77 4.22 6.47
N SER A 278 7.08 4.47 6.39
CA SER A 278 7.99 4.35 7.54
C SER A 278 8.16 5.68 8.28
N LYS A 279 7.89 6.79 7.58
CA LYS A 279 7.97 8.12 8.18
C LYS A 279 7.13 9.12 7.38
N LEU A 280 6.76 10.23 8.02
CA LEU A 280 5.90 11.25 7.41
C LEU A 280 6.69 12.11 6.43
N PRO A 281 5.99 12.73 5.45
CA PRO A 281 6.64 13.78 4.65
C PRO A 281 7.03 14.97 5.51
N LYS A 282 8.15 15.62 5.18
CA LYS A 282 8.65 16.76 5.96
C LYS A 282 7.56 17.83 6.14
N GLY A 283 7.41 18.31 7.37
CA GLY A 283 6.38 19.30 7.72
C GLY A 283 5.05 18.74 8.18
N LYS A 284 4.82 17.43 8.00
CA LYS A 284 3.58 16.77 8.42
C LYS A 284 3.74 16.15 9.81
N HIS A 285 2.71 16.30 10.65
CA HIS A 285 2.69 15.75 12.01
C HIS A 285 1.79 14.52 12.18
N SER A 286 0.92 14.25 11.19
CA SER A 286 0.00 13.11 11.24
C SER A 286 -0.47 12.71 9.84
N VAL A 287 -1.14 11.56 9.76
CA VAL A 287 -1.90 11.16 8.58
C VAL A 287 -3.39 11.23 8.92
N LYS A 288 -4.18 11.78 8.01
CA LYS A 288 -5.64 11.65 8.03
C LYS A 288 -6.09 10.77 6.86
N GLY A 289 -6.61 9.59 7.17
CA GLY A 289 -7.31 8.76 6.19
C GLY A 289 -8.66 9.39 5.91
N LEU A 290 -8.87 9.84 4.66
CA LEU A 290 -10.07 10.62 4.31
C LEU A 290 -11.29 9.73 4.15
N GLY A 291 -12.26 9.87 5.04
CA GLY A 291 -13.53 9.14 4.96
C GLY A 291 -14.52 9.73 3.98
N LYS A 292 -15.38 8.87 3.43
CA LYS A 292 -16.51 9.31 2.61
C LYS A 292 -17.50 10.12 3.45
N THR A 293 -17.68 9.70 4.71
CA THR A 293 -18.49 10.42 5.70
C THR A 293 -17.59 11.03 6.78
N THR A 294 -18.00 12.19 7.30
CA THR A 294 -17.29 12.89 8.39
C THR A 294 -18.30 13.60 9.31
N PRO A 295 -17.98 13.76 10.62
CA PRO A 295 -18.81 14.60 11.50
C PRO A 295 -18.91 16.04 11.00
N ASP A 296 -20.08 16.65 11.13
CA ASP A 296 -20.34 17.98 10.58
C ASP A 296 -19.38 19.01 11.20
N PRO A 297 -18.47 19.61 10.39
CA PRO A 297 -17.50 20.59 10.93
C PRO A 297 -18.10 21.84 11.59
N SER A 298 -19.34 22.21 11.23
CA SER A 298 -20.03 23.34 11.87
C SER A 298 -20.46 23.03 13.31
N ALA A 299 -20.67 21.75 13.63
CA ALA A 299 -21.06 21.32 14.98
C ALA A 299 -19.90 20.99 15.93
N ASN A 300 -18.67 21.37 15.57
CA ASN A 300 -17.51 21.20 16.44
C ASN A 300 -17.66 21.99 17.73
N ILE A 301 -17.28 21.37 18.85
CA ILE A 301 -17.41 21.96 20.18
C ILE A 301 -16.08 21.75 20.91
N SER A 302 -15.73 22.69 21.80
CA SER A 302 -14.45 22.66 22.52
C SER A 302 -14.62 22.19 23.96
N LEU A 303 -13.76 21.25 24.38
CA LEU A 303 -13.71 20.75 25.76
C LEU A 303 -12.29 20.87 26.28
N ASP A 304 -12.08 21.76 27.28
CA ASP A 304 -10.76 22.06 27.82
C ASP A 304 -9.76 22.51 26.74
N GLY A 305 -10.25 23.35 25.82
CA GLY A 305 -9.42 23.88 24.71
C GLY A 305 -9.15 22.94 23.54
N VAL A 306 -9.74 21.74 23.57
CA VAL A 306 -9.50 20.70 22.57
C VAL A 306 -10.78 20.51 21.76
N ASP A 307 -10.67 20.46 20.43
CA ASP A 307 -11.85 20.29 19.57
C ASP A 307 -12.45 18.89 19.69
N VAL A 308 -13.77 18.83 19.77
CA VAL A 308 -14.52 17.58 19.87
C VAL A 308 -15.44 17.51 18.65
N PRO A 309 -15.08 16.67 17.65
CA PRO A 309 -15.89 16.60 16.43
C PRO A 309 -17.12 15.71 16.62
N LEU A 310 -18.13 16.26 17.31
CA LEU A 310 -19.30 15.48 17.74
C LEU A 310 -20.56 15.74 16.89
N GLY A 311 -20.39 16.30 15.69
CA GLY A 311 -21.51 16.49 14.78
C GLY A 311 -21.98 15.17 14.20
N THR A 312 -23.22 15.13 13.74
CA THR A 312 -23.75 13.97 13.03
C THR A 312 -23.01 13.83 11.69
N GLY A 313 -22.92 12.60 11.20
CA GLY A 313 -22.21 12.32 9.97
C GLY A 313 -22.85 12.98 8.75
N ILE A 314 -22.03 13.59 7.91
CA ILE A 314 -22.46 14.13 6.61
C ILE A 314 -21.46 13.72 5.53
N SER A 315 -21.77 14.04 4.28
CA SER A 315 -20.85 13.78 3.18
C SER A 315 -19.61 14.68 3.31
N SER A 316 -18.43 14.08 3.19
CA SER A 316 -17.17 14.83 3.20
C SER A 316 -16.87 15.49 1.86
N GLY A 317 -17.41 14.92 0.77
CA GLY A 317 -17.17 15.40 -0.58
C GLY A 317 -15.99 14.72 -1.26
N VAL A 318 -15.45 13.67 -0.64
CA VAL A 318 -14.32 12.91 -1.18
C VAL A 318 -14.88 11.73 -2.00
N ASN A 319 -14.29 11.49 -3.17
CA ASN A 319 -14.89 10.65 -4.21
C ASN A 319 -14.33 9.22 -4.29
N ASP A 320 -13.02 9.11 -4.45
CA ASP A 320 -12.37 7.82 -4.69
C ASP A 320 -11.51 7.44 -3.50
N THR A 321 -12.18 7.04 -2.42
CA THR A 321 -11.51 6.69 -1.17
C THR A 321 -11.82 5.26 -0.74
N SER A 322 -10.83 4.59 -0.14
CA SER A 322 -11.02 3.29 0.47
C SER A 322 -11.86 3.31 1.74
N LEU A 323 -11.94 4.48 2.40
CA LEU A 323 -12.52 4.60 3.73
C LEU A 323 -13.92 5.19 3.74
N LEU A 324 -14.82 4.55 4.49
CA LEU A 324 -16.16 5.09 4.73
C LEU A 324 -16.13 6.23 5.75
N TYR A 325 -15.23 6.14 6.73
CA TYR A 325 -15.13 7.13 7.80
C TYR A 325 -13.68 7.52 8.03
N ASN A 326 -13.49 8.68 8.65
CA ASN A 326 -12.16 9.22 8.88
C ASN A 326 -11.31 8.33 9.77
N GLU A 327 -10.01 8.57 9.69
CA GLU A 327 -9.02 7.79 10.38
C GLU A 327 -7.83 8.72 10.62
N TYR A 328 -7.27 8.70 11.83
CA TYR A 328 -6.19 9.60 12.20
C TYR A 328 -5.05 8.79 12.78
N ILE A 329 -3.83 9.00 12.26
CA ILE A 329 -2.67 8.25 12.71
C ILE A 329 -1.54 9.21 13.07
N VAL A 330 -0.94 9.02 14.26
CA VAL A 330 0.30 9.68 14.65
C VAL A 330 1.40 8.63 14.77
N TYR A 331 2.64 9.06 14.53
CA TYR A 331 3.80 8.17 14.48
C TYR A 331 4.84 8.45 15.58
N ASP A 332 4.45 9.27 16.55
CA ASP A 332 5.25 9.57 17.73
C ASP A 332 4.30 9.41 18.91
N ILE A 333 4.65 8.51 19.82
CA ILE A 333 3.82 8.23 21.00
C ILE A 333 3.56 9.46 21.88
N ALA A 334 4.49 10.42 21.84
CA ALA A 334 4.35 11.66 22.60
C ALA A 334 3.26 12.60 22.11
N GLN A 335 2.70 12.36 20.92
CA GLN A 335 1.57 13.16 20.41
C GLN A 335 0.19 12.77 20.97
N VAL A 336 0.15 11.80 21.90
CA VAL A 336 -1.11 11.37 22.53
C VAL A 336 -1.09 11.67 24.03
N ASN A 337 -2.17 12.30 24.49
CA ASN A 337 -2.46 12.45 25.91
C ASN A 337 -3.85 11.87 26.18
N LEU A 338 -3.89 10.71 26.84
CA LEU A 338 -5.14 10.02 27.15
C LEU A 338 -5.92 10.82 28.18
N LYS A 339 -7.21 11.02 27.92
CA LYS A 339 -8.05 11.90 28.74
C LYS A 339 -9.18 11.16 29.45
N TYR A 340 -9.95 10.36 28.71
CA TYR A 340 -11.02 9.56 29.32
C TYR A 340 -10.99 8.09 28.92
N LEU A 341 -11.70 7.29 29.70
CA LEU A 341 -11.90 5.87 29.45
C LEU A 341 -13.36 5.57 29.77
N LEU A 342 -14.06 4.98 28.80
CA LEU A 342 -15.49 4.69 28.91
C LEU A 342 -15.72 3.19 28.94
N LYS A 343 -16.62 2.77 29.81
CA LYS A 343 -17.10 1.39 29.82
C LYS A 343 -18.45 1.38 29.11
N LEU A 344 -18.54 0.57 28.04
CA LEU A 344 -19.71 0.54 27.19
C LEU A 344 -20.44 -0.80 27.25
N LYS A 345 -21.76 -0.74 27.21
CA LYS A 345 -22.62 -1.91 27.08
C LYS A 345 -23.12 -1.94 25.62
N PHE A 346 -22.81 -3.02 24.90
CA PHE A 346 -23.25 -3.23 23.53
C PHE A 346 -24.57 -3.99 23.52
N ASN A 347 -25.64 -3.34 23.05
CA ASN A 347 -26.93 -4.01 22.82
C ASN A 347 -27.00 -4.47 21.35
N PHE A 348 -26.73 -5.76 21.12
CA PHE A 348 -26.80 -6.33 19.78
C PHE A 348 -28.26 -6.61 19.43
N LYS A 349 -28.69 -6.10 18.27
CA LYS A 349 -30.07 -6.28 17.79
C LYS A 349 -30.23 -7.45 16.80
N THR A 350 -29.27 -8.39 16.79
CA THR A 350 -29.26 -9.52 15.85
C THR A 350 -28.83 -10.81 16.54
N LYS B 1 10.26 1.47 -52.53
CA LYS B 1 11.13 0.51 -51.80
C LYS B 1 11.81 1.08 -50.56
N SER B 2 11.53 2.35 -50.22
CA SER B 2 11.99 2.99 -48.96
C SER B 2 13.51 3.14 -48.82
N LYS B 3 13.94 4.36 -48.54
CA LYS B 3 15.37 4.69 -48.39
C LYS B 3 15.80 4.79 -46.92
N LEU B 4 14.90 4.48 -45.99
CA LEU B 4 15.24 4.44 -44.56
C LEU B 4 16.28 3.34 -44.28
N PRO B 5 17.15 3.55 -43.27
CA PRO B 5 18.12 2.49 -42.95
C PRO B 5 17.47 1.14 -42.62
N LYS B 6 18.19 0.06 -42.93
CA LYS B 6 17.67 -1.30 -42.73
C LYS B 6 17.26 -1.57 -41.27
N PRO B 7 18.09 -1.15 -40.28
CA PRO B 7 17.72 -1.32 -38.87
C PRO B 7 16.44 -0.59 -38.46
N VAL B 8 16.26 0.63 -39.00
CA VAL B 8 15.03 1.40 -38.77
C VAL B 8 13.84 0.70 -39.42
N GLN B 9 14.02 0.13 -40.61
CA GLN B 9 12.95 -0.60 -41.29
C GLN B 9 12.49 -1.85 -40.54
N ASP B 10 13.46 -2.59 -39.98
CA ASP B 10 13.15 -3.78 -39.18
C ASP B 10 12.43 -3.43 -37.87
N LEU B 11 12.73 -2.26 -37.30
CA LEU B 11 12.03 -1.74 -36.12
C LEU B 11 10.55 -1.43 -36.43
N ILE B 12 10.27 -0.87 -37.62
CA ILE B 12 8.90 -0.54 -38.03
C ILE B 12 8.08 -1.82 -38.26
N LYS B 13 8.68 -2.82 -38.92
CA LYS B 13 8.06 -4.14 -39.07
C LYS B 13 7.68 -4.74 -37.71
N MET B 14 8.62 -4.68 -36.77
CA MET B 14 8.46 -5.32 -35.47
C MET B 14 7.29 -4.74 -34.68
N ILE B 15 7.23 -3.41 -34.58
CA ILE B 15 6.20 -2.73 -33.78
C ILE B 15 4.80 -2.71 -34.39
N PHE B 16 4.70 -2.65 -35.72
CA PHE B 16 3.40 -2.67 -36.40
C PHE B 16 2.92 -4.08 -36.80
N ASP B 17 3.60 -5.12 -36.32
CA ASP B 17 3.22 -6.51 -36.58
C ASP B 17 1.86 -6.85 -35.97
N VAL B 18 0.89 -7.15 -36.84
CA VAL B 18 -0.50 -7.43 -36.42
C VAL B 18 -0.59 -8.79 -35.72
N GLU B 19 0.18 -9.77 -36.20
CA GLU B 19 0.19 -11.10 -35.58
C GLU B 19 0.77 -11.13 -34.17
N SER B 20 1.69 -10.21 -33.87
CA SER B 20 2.22 -10.05 -32.52
C SER B 20 1.16 -9.53 -31.56
N MET B 21 0.33 -8.60 -32.05
CA MET B 21 -0.78 -8.04 -31.27
C MET B 21 -1.80 -9.13 -30.92
N LYS B 22 -2.14 -9.96 -31.91
CA LYS B 22 -3.00 -11.12 -31.69
C LYS B 22 -2.36 -12.12 -30.74
N LYS B 23 -1.05 -12.34 -30.90
CA LYS B 23 -0.30 -13.28 -30.05
C LYS B 23 -0.21 -12.82 -28.58
N ALA B 24 -0.12 -11.50 -28.36
CA ALA B 24 -0.16 -10.94 -27.00
C ALA B 24 -1.52 -11.14 -26.32
N MET B 25 -2.59 -11.03 -27.10
CA MET B 25 -3.95 -11.24 -26.60
C MET B 25 -4.23 -12.68 -26.17
N VAL B 26 -3.74 -13.66 -26.93
CA VAL B 26 -3.89 -15.08 -26.55
C VAL B 26 -3.06 -15.46 -25.31
N GLU B 27 -1.95 -14.76 -25.07
CA GLU B 27 -1.17 -14.93 -23.83
C GLU B 27 -1.97 -14.56 -22.57
N TYR B 28 -2.87 -13.58 -22.70
CA TYR B 28 -3.81 -13.24 -21.63
C TYR B 28 -5.10 -14.10 -21.65
N GLU B 29 -5.14 -15.10 -22.53
CA GLU B 29 -6.29 -16.00 -22.72
C GLU B 29 -7.58 -15.27 -23.13
N ILE B 30 -7.41 -14.24 -23.95
CA ILE B 30 -8.54 -13.46 -24.47
C ILE B 30 -9.11 -14.20 -25.69
N ASP B 31 -10.44 -14.27 -25.75
CA ASP B 31 -11.14 -15.02 -26.80
C ASP B 31 -11.21 -14.19 -28.09
N LEU B 32 -10.33 -14.49 -29.04
CA LEU B 32 -10.32 -13.81 -30.34
C LEU B 32 -11.53 -14.15 -31.22
N GLN B 33 -12.26 -15.21 -30.87
CA GLN B 33 -13.56 -15.53 -31.48
C GLN B 33 -14.58 -14.43 -31.17
N LYS B 34 -14.76 -14.14 -29.89
CA LYS B 34 -15.72 -13.14 -29.40
C LYS B 34 -15.17 -11.72 -29.44
N MET B 35 -13.86 -11.58 -29.19
CA MET B 35 -13.19 -10.29 -29.10
C MET B 35 -12.02 -10.27 -30.09
N PRO B 36 -12.32 -10.14 -31.39
CA PRO B 36 -11.24 -9.99 -32.37
C PRO B 36 -10.60 -8.61 -32.30
N LEU B 37 -9.36 -8.51 -32.79
CA LEU B 37 -8.54 -7.29 -32.71
C LEU B 37 -9.28 -6.04 -33.20
N GLY B 38 -10.05 -6.17 -34.28
CA GLY B 38 -10.86 -5.09 -34.84
C GLY B 38 -11.98 -4.59 -33.94
N LYS B 39 -12.56 -5.48 -33.14
CA LYS B 39 -13.65 -5.11 -32.21
C LYS B 39 -13.19 -4.41 -30.92
N LEU B 40 -11.91 -4.55 -30.58
CA LEU B 40 -11.34 -3.92 -29.38
C LEU B 40 -11.42 -2.40 -29.46
N SER B 41 -12.09 -1.77 -28.49
CA SER B 41 -12.26 -0.31 -28.47
C SER B 41 -11.73 0.30 -27.17
N LYS B 42 -11.61 1.63 -27.18
CA LYS B 42 -11.07 2.38 -26.04
C LYS B 42 -11.98 2.32 -24.84
N ARG B 43 -13.23 2.72 -25.03
CA ARG B 43 -14.16 2.85 -23.89
C ARG B 43 -14.76 1.53 -23.36
N GLN B 44 -14.41 0.41 -23.99
CA GLN B 44 -14.59 -0.92 -23.37
C GLN B 44 -13.46 -1.24 -22.39
N ILE B 45 -12.23 -0.90 -22.76
CA ILE B 45 -11.09 -0.99 -21.84
C ILE B 45 -11.32 -0.10 -20.62
N GLN B 46 -11.79 1.13 -20.85
CA GLN B 46 -12.12 2.07 -19.75
C GLN B 46 -13.27 1.58 -18.87
N ALA B 47 -14.21 0.86 -19.48
CA ALA B 47 -15.28 0.19 -18.74
C ALA B 47 -14.73 -0.96 -17.90
N ALA B 48 -13.83 -1.74 -18.49
CA ALA B 48 -13.17 -2.85 -17.80
C ALA B 48 -12.34 -2.33 -16.62
N TYR B 49 -11.67 -1.21 -16.83
CA TYR B 49 -10.98 -0.49 -15.76
C TYR B 49 -11.94 -0.08 -14.63
N SER B 50 -13.10 0.49 -14.99
CA SER B 50 -14.12 0.90 -14.02
C SER B 50 -14.67 -0.25 -13.15
N ILE B 51 -14.82 -1.43 -13.75
CA ILE B 51 -15.23 -2.65 -13.03
C ILE B 51 -14.17 -3.00 -11.98
N LEU B 52 -12.90 -2.97 -12.39
CA LEU B 52 -11.76 -3.18 -11.48
C LEU B 52 -11.73 -2.18 -10.33
N SER B 53 -12.06 -0.92 -10.60
CA SER B 53 -12.18 0.09 -9.54
C SER B 53 -13.37 -0.22 -8.61
N GLU B 54 -14.48 -0.68 -9.18
CA GLU B 54 -15.60 -1.18 -8.39
C GLU B 54 -15.20 -2.33 -7.45
N VAL B 55 -14.37 -3.24 -7.95
CA VAL B 55 -13.84 -4.34 -7.13
C VAL B 55 -12.95 -3.78 -6.01
N GLN B 56 -12.00 -2.91 -6.37
CA GLN B 56 -11.18 -2.19 -5.39
C GLN B 56 -12.04 -1.56 -4.29
N GLN B 57 -13.05 -0.80 -4.70
CA GLN B 57 -13.91 -0.08 -3.76
C GLN B 57 -14.75 -1.01 -2.89
N ALA B 58 -15.30 -2.06 -3.51
CA ALA B 58 -16.11 -3.05 -2.80
C ALA B 58 -15.27 -3.90 -1.83
N VAL B 59 -14.09 -4.32 -2.28
CA VAL B 59 -13.12 -5.06 -1.42
C VAL B 59 -12.76 -4.26 -0.15
N SER B 60 -12.68 -2.93 -0.25
CA SER B 60 -12.39 -2.08 0.92
C SER B 60 -13.58 -1.90 1.88
N GLN B 61 -14.46 -2.91 1.98
CA GLN B 61 -15.59 -2.91 2.92
C GLN B 61 -16.23 -4.32 2.99
N GLY B 62 -15.43 -5.28 3.45
CA GLY B 62 -15.85 -6.66 3.64
C GLY B 62 -16.36 -6.93 5.05
N SER B 64 -17.42 -8.19 1.03
CA SER B 64 -18.16 -9.41 0.68
C SER B 64 -17.39 -10.23 -0.36
N ASP B 65 -17.98 -11.36 -0.73
CA ASP B 65 -17.67 -12.02 -2.00
C ASP B 65 -18.88 -12.08 -2.95
N SER B 66 -20.10 -11.87 -2.44
CA SER B 66 -21.31 -11.97 -3.26
C SER B 66 -21.34 -10.90 -4.34
N GLN B 67 -21.15 -9.66 -3.90
CA GLN B 67 -21.09 -8.51 -4.81
C GLN B 67 -19.80 -8.55 -5.64
N ILE B 68 -18.69 -8.92 -4.99
CA ILE B 68 -17.38 -9.05 -5.65
C ILE B 68 -17.44 -10.04 -6.83
N LEU B 69 -18.06 -11.19 -6.59
CA LEU B 69 -18.19 -12.24 -7.61
C LEU B 69 -19.06 -11.81 -8.80
N ASP B 70 -20.11 -11.03 -8.53
CA ASP B 70 -20.92 -10.43 -9.61
C ASP B 70 -20.07 -9.54 -10.50
N LEU B 71 -19.24 -8.70 -9.86
CA LEU B 71 -18.35 -7.80 -10.58
C LEU B 71 -17.28 -8.56 -11.37
N SER B 72 -16.67 -9.54 -10.72
CA SER B 72 -15.73 -10.46 -11.38
C SER B 72 -16.35 -11.05 -12.63
N ASN B 73 -17.60 -11.48 -12.53
CA ASN B 73 -18.33 -12.02 -13.68
C ASN B 73 -18.60 -11.02 -14.82
N ARG B 74 -18.87 -9.76 -14.46
CA ARG B 74 -19.06 -8.70 -15.45
C ARG B 74 -17.80 -8.40 -16.24
N PHE B 75 -16.64 -8.46 -15.57
CA PHE B 75 -15.36 -8.26 -16.23
C PHE B 75 -15.14 -9.27 -17.36
N TYR B 76 -15.41 -10.54 -17.07
CA TYR B 76 -15.27 -11.62 -18.06
C TYR B 76 -16.38 -11.63 -19.11
N THR B 77 -17.46 -10.89 -18.86
CA THR B 77 -18.46 -10.60 -19.88
C THR B 77 -18.03 -9.42 -20.75
N LEU B 78 -17.42 -8.40 -20.16
CA LEU B 78 -16.88 -7.26 -20.93
C LEU B 78 -15.72 -7.68 -21.82
N ILE B 79 -14.76 -8.38 -21.23
CA ILE B 79 -13.60 -8.92 -21.94
C ILE B 79 -13.78 -10.44 -21.97
N PRO B 80 -14.31 -11.00 -23.10
CA PRO B 80 -14.51 -12.44 -23.15
C PRO B 80 -13.19 -13.19 -23.22
N HIS B 81 -12.96 -14.07 -22.25
CA HIS B 81 -11.75 -14.89 -22.19
C HIS B 81 -12.05 -16.32 -22.64
N ASP B 82 -10.98 -17.11 -22.81
CA ASP B 82 -11.08 -18.51 -23.25
C ASP B 82 -9.90 -19.31 -22.70
N PHE B 83 -10.19 -20.20 -21.77
CA PHE B 83 -9.22 -21.20 -21.29
C PHE B 83 -9.88 -22.56 -21.59
N GLY B 84 -10.29 -22.73 -22.85
CA GLY B 84 -11.27 -23.77 -23.23
C GLY B 84 -12.63 -23.14 -23.02
N MET B 85 -13.34 -23.60 -21.98
CA MET B 85 -14.29 -22.73 -21.28
C MET B 85 -14.01 -22.76 -19.76
N LYS B 86 -12.70 -22.78 -19.46
CA LYS B 86 -12.10 -22.10 -18.30
C LYS B 86 -12.44 -22.53 -16.86
N LYS B 87 -13.37 -21.82 -16.23
CA LYS B 87 -13.33 -21.55 -14.78
C LYS B 87 -12.07 -20.70 -14.49
N PRO B 88 -12.08 -19.41 -14.93
CA PRO B 88 -10.95 -18.48 -14.82
C PRO B 88 -10.76 -17.93 -13.40
N PRO B 89 -9.65 -17.19 -13.15
CA PRO B 89 -9.38 -16.70 -11.79
C PRO B 89 -10.36 -15.64 -11.28
N LEU B 90 -10.71 -15.74 -10.01
CA LEU B 90 -11.68 -14.84 -9.37
C LEU B 90 -11.01 -13.51 -9.02
N LEU B 91 -11.67 -12.41 -9.38
CA LEU B 91 -11.18 -11.06 -9.10
C LEU B 91 -11.72 -10.58 -7.75
N ASN B 92 -11.10 -11.09 -6.69
CA ASN B 92 -11.55 -10.81 -5.31
C ASN B 92 -10.41 -10.44 -4.36
N ASN B 93 -9.30 -9.94 -4.91
CA ASN B 93 -8.11 -9.62 -4.13
C ASN B 93 -7.18 -8.66 -4.89
N ALA B 94 -6.10 -8.23 -4.23
CA ALA B 94 -5.11 -7.33 -4.82
C ALA B 94 -4.41 -7.95 -6.03
N ASP B 95 -3.91 -9.17 -5.87
CA ASP B 95 -3.17 -9.89 -6.93
C ASP B 95 -3.94 -9.97 -8.25
N SER B 96 -5.22 -10.31 -8.16
CA SER B 96 -6.06 -10.47 -9.35
C SER B 96 -6.38 -9.13 -10.00
N VAL B 97 -6.63 -8.10 -9.19
CA VAL B 97 -6.87 -6.74 -9.70
C VAL B 97 -5.64 -6.18 -10.43
N GLN B 98 -4.45 -6.38 -9.84
CA GLN B 98 -3.18 -5.93 -10.46
C GLN B 98 -2.92 -6.60 -11.80
N ALA B 99 -3.12 -7.93 -11.84
CA ALA B 99 -2.88 -8.72 -13.06
C ALA B 99 -3.78 -8.28 -14.21
N LYS B 100 -5.06 -8.07 -13.91
CA LYS B 100 -6.02 -7.57 -14.90
C LYS B 100 -5.77 -6.10 -15.24
N ALA B 101 -5.33 -5.30 -14.26
CA ALA B 101 -4.93 -3.92 -14.51
C ALA B 101 -3.75 -3.86 -15.48
N GLU B 102 -2.76 -4.72 -15.26
CA GLU B 102 -1.62 -4.84 -16.17
C GLU B 102 -2.07 -5.22 -17.59
N MET B 103 -2.98 -6.19 -17.69
CA MET B 103 -3.53 -6.61 -18.98
C MET B 103 -4.17 -5.43 -19.72
N LEU B 104 -5.03 -4.69 -19.01
CA LEU B 104 -5.73 -3.54 -19.62
C LEU B 104 -4.77 -2.43 -20.07
N ASP B 105 -3.64 -2.25 -19.37
CA ASP B 105 -2.59 -1.30 -19.79
C ASP B 105 -2.03 -1.70 -21.16
N ASN B 106 -1.77 -2.99 -21.33
CA ASN B 106 -1.28 -3.52 -22.59
C ASN B 106 -2.31 -3.41 -23.72
N LEU B 107 -3.58 -3.72 -23.42
CA LEU B 107 -4.65 -3.59 -24.40
C LEU B 107 -4.84 -2.16 -24.89
N LEU B 108 -4.70 -1.18 -23.99
CA LEU B 108 -4.75 0.25 -24.36
C LEU B 108 -3.76 0.59 -25.48
N ASP B 109 -2.51 0.19 -25.28
CA ASP B 109 -1.45 0.47 -26.25
C ASP B 109 -1.61 -0.34 -27.53
N ILE B 110 -2.14 -1.56 -27.42
CA ILE B 110 -2.48 -2.37 -28.60
C ILE B 110 -3.62 -1.73 -29.42
N GLU B 111 -4.65 -1.21 -28.75
CA GLU B 111 -5.73 -0.49 -29.44
C GLU B 111 -5.21 0.75 -30.19
N VAL B 112 -4.24 1.44 -29.59
CA VAL B 112 -3.64 2.63 -30.21
C VAL B 112 -2.86 2.24 -31.47
N ALA B 113 -2.08 1.16 -31.39
CA ALA B 113 -1.30 0.66 -32.52
C ALA B 113 -2.18 0.28 -33.72
N TYR B 114 -3.29 -0.39 -33.44
CA TYR B 114 -4.19 -0.87 -34.47
C TYR B 114 -4.98 0.25 -35.14
N SER B 115 -5.51 1.18 -34.34
CA SER B 115 -6.25 2.34 -34.88
C SER B 115 -5.35 3.36 -35.60
N LEU B 116 -4.06 3.38 -35.27
CA LEU B 116 -3.04 4.06 -36.10
C LEU B 116 -2.93 3.40 -37.47
N LEU B 117 -2.80 2.07 -37.45
CA LEU B 117 -2.61 1.26 -38.65
C LEU B 117 -3.79 1.35 -39.65
N ARG B 118 -5.01 1.54 -39.16
CA ARG B 118 -6.20 1.69 -40.00
C ARG B 118 -6.65 3.15 -40.19
N GLY B 119 -5.79 4.11 -39.84
CA GLY B 119 -6.00 5.53 -40.15
C GLY B 119 -4.93 6.03 -41.08
N GLY B 120 -4.92 7.34 -41.34
CA GLY B 120 -3.90 7.96 -42.19
C GLY B 120 -4.18 7.81 -43.68
N SER B 121 -3.50 6.87 -44.33
CA SER B 121 -3.66 6.63 -45.77
C SER B 121 -3.19 5.25 -46.21
N ASP B 122 -3.87 4.69 -47.22
CA ASP B 122 -3.48 3.45 -47.89
C ASP B 122 -3.10 3.77 -49.34
N ASP B 123 -1.82 4.09 -49.54
CA ASP B 123 -1.29 4.48 -50.85
C ASP B 123 -0.58 3.28 -51.49
N SER B 124 -1.01 2.90 -52.69
CA SER B 124 -0.39 1.81 -53.45
C SER B 124 1.01 2.18 -53.98
N SER B 125 1.22 3.48 -54.25
CA SER B 125 2.49 3.99 -54.78
C SER B 125 3.44 4.57 -53.70
N LYS B 126 3.34 4.05 -52.48
CA LYS B 126 4.30 4.35 -51.41
C LYS B 126 4.55 3.09 -50.60
N ASP B 127 5.78 2.93 -50.09
CA ASP B 127 6.12 1.78 -49.26
C ASP B 127 5.34 1.90 -47.94
N PRO B 128 4.60 0.83 -47.54
CA PRO B 128 3.93 0.88 -46.22
C PRO B 128 4.86 1.11 -45.03
N ILE B 129 6.13 0.68 -45.16
CA ILE B 129 7.15 0.96 -44.14
C ILE B 129 7.28 2.48 -43.94
N ASP B 130 7.34 3.23 -45.04
CA ASP B 130 7.37 4.70 -44.99
C ASP B 130 6.07 5.31 -44.43
N VAL B 131 4.91 4.76 -44.82
CA VAL B 131 3.61 5.25 -44.33
C VAL B 131 3.48 5.03 -42.81
N ASN B 132 3.89 3.85 -42.36
CA ASN B 132 3.90 3.51 -40.95
C ASN B 132 4.94 4.30 -40.15
N TYR B 133 6.05 4.68 -40.78
CA TYR B 133 7.03 5.58 -40.16
C TYR B 133 6.46 6.99 -39.92
N GLU B 134 5.75 7.53 -40.92
CA GLU B 134 5.07 8.84 -40.77
C GLU B 134 4.14 8.84 -39.57
N LYS B 135 3.33 7.79 -39.47
CA LYS B 135 2.32 7.62 -38.40
C LYS B 135 2.88 7.76 -36.98
N LEU B 136 4.12 7.31 -36.78
CA LEU B 136 4.77 7.39 -35.47
C LEU B 136 5.11 8.82 -35.03
N LYS B 137 5.24 9.74 -35.99
CA LYS B 137 5.55 11.15 -35.70
C LYS B 137 6.78 11.27 -34.80
N THR B 138 7.84 10.56 -35.21
CA THR B 138 9.06 10.43 -34.43
C THR B 138 10.25 10.32 -35.38
N ASP B 139 11.21 11.21 -35.24
CA ASP B 139 12.46 11.13 -35.98
C ASP B 139 13.31 10.03 -35.34
N ILE B 140 13.57 8.95 -36.09
CA ILE B 140 14.35 7.81 -35.60
C ILE B 140 15.62 7.69 -36.44
N LYS B 141 16.77 7.80 -35.77
CA LYS B 141 18.08 7.67 -36.42
C LYS B 141 18.85 6.55 -35.74
N VAL B 142 19.69 5.86 -36.50
CA VAL B 142 20.55 4.79 -35.95
C VAL B 142 21.81 5.40 -35.36
N VAL B 143 22.08 5.11 -34.10
CA VAL B 143 23.28 5.60 -33.43
C VAL B 143 24.48 4.77 -33.88
N ASP B 144 25.60 5.46 -34.16
CA ASP B 144 26.81 4.80 -34.64
C ASP B 144 27.42 3.97 -33.51
N ARG B 145 27.73 2.70 -33.81
CA ARG B 145 28.37 1.79 -32.84
C ARG B 145 29.64 2.34 -32.19
N ASP B 146 30.41 3.10 -32.95
CA ASP B 146 31.72 3.63 -32.51
C ASP B 146 31.65 4.99 -31.80
N SER B 147 30.46 5.60 -31.73
CA SER B 147 30.29 6.90 -31.07
C SER B 147 30.49 6.82 -29.55
N GLU B 148 30.67 7.98 -28.92
CA GLU B 148 30.81 8.09 -27.47
C GLU B 148 29.51 7.70 -26.75
N GLU B 149 28.38 8.20 -27.26
CA GLU B 149 27.06 7.87 -26.68
C GLU B 149 26.71 6.38 -26.76
N ALA B 150 27.18 5.71 -27.81
CA ALA B 150 27.08 4.25 -27.91
C ALA B 150 27.91 3.53 -26.85
N GLU B 151 29.16 4.00 -26.65
CA GLU B 151 30.05 3.44 -25.63
C GLU B 151 29.47 3.55 -24.21
N ILE B 152 28.85 4.70 -23.93
CA ILE B 152 28.22 4.95 -22.63
C ILE B 152 26.97 4.07 -22.45
N ILE B 153 26.14 4.01 -23.48
CA ILE B 153 24.91 3.20 -23.47
C ILE B 153 25.20 1.71 -23.25
N ARG B 154 26.15 1.15 -23.98
CA ARG B 154 26.55 -0.26 -23.80
C ARG B 154 27.11 -0.56 -22.40
N LYS B 155 27.76 0.42 -21.80
CA LYS B 155 28.28 0.31 -20.43
C LYS B 155 27.15 0.26 -19.41
N TYR B 156 26.18 1.16 -19.59
CA TYR B 156 24.92 1.18 -18.80
C TYR B 156 24.30 -0.23 -18.75
N VAL B 157 24.16 -0.85 -19.92
CA VAL B 157 23.58 -2.19 -20.05
C VAL B 157 24.45 -3.25 -19.35
N LYS B 158 25.76 -3.18 -19.59
CA LYS B 158 26.70 -4.21 -19.13
C LYS B 158 26.81 -4.28 -17.60
N ASN B 159 26.98 -3.12 -16.97
CA ASN B 159 27.19 -3.05 -15.52
C ASN B 159 25.97 -3.42 -14.69
N THR B 160 24.77 -3.05 -15.15
CA THR B 160 23.56 -3.13 -14.35
C THR B 160 22.67 -4.34 -14.71
N HIS B 161 23.29 -5.52 -14.78
CA HIS B 161 22.58 -6.78 -15.06
C HIS B 161 22.66 -7.70 -13.83
N ALA B 162 21.52 -7.94 -13.19
CA ALA B 162 21.46 -8.64 -11.90
C ALA B 162 21.59 -10.16 -11.99
N THR B 163 22.18 -10.75 -10.95
CA THR B 163 22.36 -12.20 -10.85
C THR B 163 21.05 -12.94 -10.54
N THR B 164 20.11 -12.29 -9.83
CA THR B 164 18.79 -12.88 -9.60
C THR B 164 18.03 -13.08 -10.91
N HIS B 165 18.23 -12.17 -11.85
CA HIS B 165 17.64 -12.25 -13.19
C HIS B 165 18.67 -12.80 -14.18
N ASN B 166 19.20 -13.99 -13.88
CA ASN B 166 20.18 -14.68 -14.74
C ASN B 166 19.60 -15.84 -15.55
N ALA B 167 18.28 -15.81 -15.77
CA ALA B 167 17.62 -16.73 -16.72
C ALA B 167 18.07 -16.47 -18.16
N TYR B 168 18.54 -15.24 -18.43
CA TYR B 168 19.11 -14.86 -19.73
C TYR B 168 20.32 -13.94 -19.57
N ASP B 169 20.92 -13.56 -20.70
CA ASP B 169 21.87 -12.44 -20.77
C ASP B 169 21.65 -11.66 -22.07
N LEU B 170 22.05 -10.38 -22.06
CA LEU B 170 21.67 -9.43 -23.10
C LEU B 170 22.78 -9.17 -24.13
N GLU B 171 22.37 -8.93 -25.37
CA GLU B 171 23.21 -8.33 -26.41
C GLU B 171 22.52 -7.08 -26.92
N VAL B 172 23.29 -6.01 -27.11
CA VAL B 172 22.78 -4.79 -27.73
C VAL B 172 22.86 -4.96 -29.24
N ILE B 173 21.70 -5.16 -29.88
CA ILE B 173 21.60 -5.27 -31.34
C ILE B 173 21.69 -3.89 -31.98
N ASP B 174 20.67 -3.06 -31.74
CA ASP B 174 20.59 -1.71 -32.31
C ASP B 174 20.36 -0.67 -31.22
N ILE B 175 20.88 0.54 -31.46
CA ILE B 175 20.64 1.71 -30.61
C ILE B 175 20.07 2.79 -31.51
N PHE B 176 18.85 3.22 -31.22
CA PHE B 176 18.16 4.22 -32.01
C PHE B 176 18.04 5.50 -31.21
N LYS B 177 18.44 6.62 -31.80
CA LYS B 177 18.17 7.95 -31.25
C LYS B 177 16.78 8.35 -31.72
N ILE B 178 15.90 8.72 -30.78
CA ILE B 178 14.51 9.08 -31.09
C ILE B 178 14.13 10.47 -30.60
N GLU B 179 13.25 11.14 -31.36
CA GLU B 179 12.74 12.47 -31.01
C GLU B 179 11.28 12.54 -31.40
N ARG B 180 10.39 12.38 -30.42
CA ARG B 180 8.96 12.48 -30.65
C ARG B 180 8.60 13.91 -31.03
N GLU B 181 7.64 14.04 -31.95
CA GLU B 181 7.23 15.34 -32.48
C GLU B 181 6.50 16.15 -31.40
N GLY B 182 7.11 17.26 -31.00
CA GLY B 182 6.54 18.16 -29.99
C GLY B 182 7.00 17.93 -28.55
N GLU B 183 7.68 16.81 -28.29
CA GLU B 183 7.99 16.41 -26.91
C GLU B 183 9.08 17.27 -26.26
N CYS B 184 10.07 17.71 -27.04
CA CYS B 184 11.12 18.61 -26.51
C CYS B 184 10.57 19.98 -26.08
N GLN B 185 9.56 20.48 -26.80
CA GLN B 185 8.84 21.71 -26.41
C GLN B 185 8.03 21.50 -25.13
N ARG B 186 7.28 20.39 -25.08
CA ARG B 186 6.50 20.01 -23.90
C ARG B 186 7.36 19.76 -22.66
N TYR B 187 8.57 19.24 -22.86
CA TYR B 187 9.51 18.99 -21.76
C TYR B 187 10.19 20.26 -21.24
N LYS B 188 10.31 21.29 -22.10
CA LYS B 188 11.12 22.49 -21.80
C LYS B 188 10.89 23.12 -20.42
N PRO B 189 9.62 23.28 -19.98
CA PRO B 189 9.37 23.79 -18.62
C PRO B 189 10.03 23.01 -17.46
N PHE B 190 10.31 21.72 -17.65
CA PHE B 190 11.01 20.90 -16.66
C PHE B 190 12.50 20.69 -16.94
N LYS B 191 13.04 21.35 -17.97
CA LYS B 191 14.41 21.09 -18.43
C LYS B 191 15.49 21.63 -17.47
N GLN B 192 15.15 22.69 -16.73
CA GLN B 192 16.04 23.27 -15.73
C GLN B 192 15.49 23.10 -14.29
N LEU B 193 14.76 22.02 -14.08
CA LEU B 193 14.50 21.47 -12.76
C LEU B 193 15.68 20.57 -12.44
N HIS B 194 16.07 20.48 -11.17
CA HIS B 194 17.24 19.68 -10.77
C HIS B 194 16.96 18.16 -10.83
N ASN B 195 18.04 17.38 -10.66
CA ASN B 195 17.98 15.91 -10.68
C ASN B 195 17.31 15.33 -11.94
N ARG B 196 17.89 15.66 -13.09
CA ARG B 196 17.47 15.08 -14.37
C ARG B 196 18.34 13.87 -14.66
N ARG B 197 17.70 12.73 -14.89
CA ARG B 197 18.38 11.44 -14.95
C ARG B 197 17.92 10.64 -16.17
N LEU B 198 18.85 9.85 -16.72
CA LEU B 198 18.57 8.99 -17.87
C LEU B 198 18.26 7.59 -17.34
N LEU B 199 17.03 7.13 -17.56
CA LEU B 199 16.53 5.91 -16.91
C LEU B 199 15.83 4.96 -17.89
N TRP B 200 15.86 3.67 -17.56
CA TRP B 200 15.27 2.63 -18.40
C TRP B 200 13.75 2.55 -18.25
N HIS B 201 13.04 2.41 -19.36
CA HIS B 201 11.64 1.94 -19.35
C HIS B 201 11.50 0.80 -20.35
N GLY B 202 11.26 -0.40 -19.84
CA GLY B 202 11.02 -1.57 -20.66
C GLY B 202 9.53 -1.82 -20.83
N SER B 203 9.14 -2.22 -22.05
CA SER B 203 7.78 -2.64 -22.34
C SER B 203 7.81 -3.70 -23.42
N ARG B 204 6.72 -4.44 -23.57
CA ARG B 204 6.65 -5.44 -24.62
C ARG B 204 6.44 -4.74 -25.96
N THR B 205 6.94 -5.38 -27.02
CA THR B 205 7.08 -4.73 -28.34
C THR B 205 5.75 -4.27 -28.94
N THR B 206 4.66 -4.97 -28.61
CA THR B 206 3.30 -4.60 -29.05
C THR B 206 2.79 -3.26 -28.48
N ASN B 207 3.48 -2.69 -27.49
CA ASN B 207 3.12 -1.38 -26.94
C ASN B 207 3.85 -0.19 -27.58
N PHE B 208 4.87 -0.44 -28.40
CA PHE B 208 5.79 0.63 -28.83
C PHE B 208 5.24 1.63 -29.85
N ALA B 209 4.33 1.19 -30.71
CA ALA B 209 3.62 2.11 -31.62
C ALA B 209 2.83 3.16 -30.85
N GLY B 210 2.19 2.73 -29.76
CA GLY B 210 1.48 3.63 -28.86
C GLY B 210 2.43 4.56 -28.14
N ILE B 211 3.49 3.97 -27.57
CA ILE B 211 4.51 4.72 -26.83
C ILE B 211 5.18 5.80 -27.71
N LEU B 212 5.44 5.49 -28.97
CA LEU B 212 6.14 6.43 -29.86
C LEU B 212 5.25 7.48 -30.53
N SER B 213 3.96 7.18 -30.73
CA SER B 213 3.02 8.19 -31.24
C SER B 213 2.43 9.06 -30.13
N GLN B 214 2.05 8.44 -29.01
CA GLN B 214 1.42 9.14 -27.88
C GLN B 214 2.39 9.60 -26.79
N GLY B 215 3.57 8.98 -26.71
CA GLY B 215 4.46 9.17 -25.56
C GLY B 215 4.07 8.18 -24.47
N LEU B 216 4.90 8.08 -23.44
CA LEU B 216 4.53 7.31 -22.25
C LEU B 216 3.41 8.05 -21.54
N ARG B 217 2.23 7.41 -21.46
CA ARG B 217 1.06 7.99 -20.81
C ARG B 217 0.91 7.42 -19.40
N ILE B 218 0.00 8.03 -18.64
CA ILE B 218 -0.38 7.55 -17.32
C ILE B 218 -1.70 6.79 -17.47
N ALA B 219 -1.89 5.76 -16.65
CA ALA B 219 -3.15 5.01 -16.65
C ALA B 219 -4.35 5.97 -16.52
N PRO B 220 -5.45 5.70 -17.25
CA PRO B 220 -6.57 6.64 -17.22
C PRO B 220 -7.25 6.78 -15.84
N PRO B 221 -8.15 7.77 -15.68
CA PRO B 221 -8.85 7.96 -14.40
C PRO B 221 -9.68 6.74 -13.96
N GLU B 222 -10.16 5.95 -14.92
CA GLU B 222 -10.97 4.77 -14.64
C GLU B 222 -10.17 3.64 -13.98
N ALA B 223 -8.85 3.63 -14.16
CA ALA B 223 -7.99 2.56 -13.64
C ALA B 223 -7.88 2.61 -12.10
N PRO B 224 -7.79 1.43 -11.45
CA PRO B 224 -7.71 1.36 -10.00
C PRO B 224 -6.31 1.73 -9.49
N VAL B 225 -6.22 2.81 -8.73
CA VAL B 225 -4.95 3.28 -8.14
C VAL B 225 -4.27 2.20 -7.27
N THR B 226 -5.05 1.33 -6.62
CA THR B 226 -4.51 0.20 -5.85
C THR B 226 -3.84 -0.87 -6.74
N GLY B 227 -4.14 -0.86 -8.04
CA GLY B 227 -3.46 -1.72 -9.01
C GLY B 227 -1.99 -1.43 -9.27
N TYR B 228 -1.53 -0.22 -8.92
CA TYR B 228 -0.18 0.24 -9.23
C TYR B 228 0.54 0.58 -7.92
N MET B 229 1.73 -0.01 -7.73
CA MET B 229 2.46 0.02 -6.45
C MET B 229 2.68 1.41 -5.86
N PHE B 230 2.97 2.39 -6.72
CA PHE B 230 3.12 3.79 -6.29
C PHE B 230 2.11 4.71 -6.98
N GLY B 231 0.90 4.20 -7.17
CA GLY B 231 -0.16 4.95 -7.84
C GLY B 231 0.05 5.06 -9.34
N LYS B 232 -0.79 5.87 -9.97
CA LYS B 232 -0.84 5.96 -11.43
C LYS B 232 0.11 7.05 -11.93
N GLY B 233 1.31 6.61 -12.30
CA GLY B 233 2.32 7.46 -12.91
C GLY B 233 3.06 6.72 -14.00
N ILE B 234 4.29 7.15 -14.29
CA ILE B 234 5.13 6.53 -15.30
C ILE B 234 6.38 6.02 -14.58
N TYR B 235 6.64 4.72 -14.71
CA TYR B 235 7.64 4.01 -13.91
C TYR B 235 8.94 3.79 -14.70
N PHE B 236 10.08 4.00 -14.04
CA PHE B 236 11.41 3.80 -14.63
C PHE B 236 12.31 3.04 -13.67
N ALA B 237 13.46 2.59 -14.17
CA ALA B 237 14.48 1.92 -13.35
C ALA B 237 15.89 2.30 -13.80
N ASP B 238 16.86 2.08 -12.91
CA ASP B 238 18.29 2.31 -13.22
C ASP B 238 19.07 1.01 -13.44
N MET B 239 18.41 -0.13 -13.29
CA MET B 239 18.98 -1.43 -13.64
C MET B 239 18.25 -1.95 -14.90
N VAL B 240 19.00 -2.22 -15.96
CA VAL B 240 18.42 -2.63 -17.24
C VAL B 240 17.68 -3.98 -17.15
N SER B 241 18.16 -4.87 -16.28
CA SER B 241 17.54 -6.20 -16.10
C SER B 241 16.15 -6.11 -15.47
N LYS B 242 15.93 -5.12 -14.60
CA LYS B 242 14.61 -4.88 -14.01
C LYS B 242 13.61 -4.45 -15.08
N SER B 243 14.00 -3.43 -15.85
CA SER B 243 13.18 -2.95 -16.97
C SER B 243 13.01 -4.01 -18.06
N ALA B 244 14.08 -4.77 -18.33
CA ALA B 244 14.06 -5.86 -19.33
C ALA B 244 13.03 -6.95 -19.02
N ASN B 245 12.82 -7.27 -17.74
CA ASN B 245 11.77 -8.22 -17.36
C ASN B 245 10.39 -7.85 -17.87
N TYR B 246 10.11 -6.54 -17.94
CA TYR B 246 8.84 -6.02 -18.45
C TYR B 246 8.72 -6.02 -19.98
N CYS B 247 9.75 -6.45 -20.70
CA CYS B 247 9.63 -6.75 -22.14
C CYS B 247 8.78 -8.00 -22.41
N HIS B 248 8.80 -8.95 -21.48
CA HIS B 248 8.10 -10.25 -21.62
C HIS B 248 8.53 -10.99 -22.89
N THR B 249 9.85 -11.16 -23.01
CA THR B 249 10.44 -11.91 -24.10
C THR B 249 10.45 -13.38 -23.72
N SER B 250 10.22 -14.25 -24.71
CA SER B 250 10.23 -15.70 -24.54
C SER B 250 11.31 -16.30 -25.43
N GLN B 251 11.42 -17.63 -25.42
CA GLN B 251 12.24 -18.34 -26.41
C GLN B 251 11.64 -18.24 -27.82
N GLY B 252 10.30 -18.20 -27.91
CA GLY B 252 9.57 -18.04 -29.17
C GLY B 252 9.90 -16.77 -29.93
N ASP B 253 10.12 -15.68 -29.20
CA ASP B 253 10.68 -14.45 -29.77
C ASP B 253 11.55 -13.75 -28.71
N PRO B 254 12.88 -13.98 -28.74
CA PRO B 254 13.80 -13.42 -27.75
C PRO B 254 14.35 -12.00 -28.07
N ILE B 255 13.67 -11.24 -28.93
CA ILE B 255 14.02 -9.85 -29.19
C ILE B 255 13.13 -8.95 -28.34
N GLY B 256 13.73 -8.00 -27.61
CA GLY B 256 12.99 -7.03 -26.81
C GLY B 256 13.39 -5.58 -27.11
N LEU B 257 12.45 -4.66 -26.86
CA LEU B 257 12.69 -3.23 -27.00
C LEU B 257 12.61 -2.52 -25.63
N ILE B 258 13.54 -1.60 -25.40
CA ILE B 258 13.63 -0.89 -24.12
C ILE B 258 14.05 0.58 -24.35
N LEU B 259 13.46 1.49 -23.59
CA LEU B 259 13.68 2.93 -23.76
C LEU B 259 14.72 3.47 -22.80
N LEU B 260 15.31 4.59 -23.20
CA LEU B 260 16.00 5.50 -22.28
C LEU B 260 15.33 6.85 -22.45
N GLY B 261 14.92 7.45 -21.35
CA GLY B 261 14.29 8.78 -21.33
C GLY B 261 14.96 9.69 -20.33
N GLU B 262 14.91 10.99 -20.59
CA GLU B 262 15.36 12.00 -19.64
C GLU B 262 14.20 12.25 -18.67
N VAL B 263 14.36 11.78 -17.43
CA VAL B 263 13.30 11.89 -16.41
C VAL B 263 13.62 13.06 -15.46
N ALA B 264 12.80 14.12 -15.54
CA ALA B 264 12.92 15.26 -14.62
C ALA B 264 12.36 14.88 -13.24
N LEU B 265 13.22 14.31 -12.40
CA LEU B 265 12.81 13.80 -11.08
C LEU B 265 12.57 14.90 -10.05
N GLY B 266 13.47 15.88 -9.99
CA GLY B 266 13.35 16.98 -9.04
C GLY B 266 13.48 16.52 -7.59
N ASN B 267 12.70 17.14 -6.71
CA ASN B 267 12.64 16.75 -5.30
C ASN B 267 11.92 15.41 -5.16
N MET B 268 12.68 14.35 -4.83
CA MET B 268 12.18 12.98 -4.83
C MET B 268 11.56 12.58 -3.50
N TYR B 269 10.32 12.08 -3.54
CA TYR B 269 9.64 11.54 -2.38
C TYR B 269 10.02 10.07 -2.25
N GLU B 270 10.94 9.78 -1.33
CA GLU B 270 11.52 8.45 -1.21
C GLU B 270 10.63 7.53 -0.38
N LEU B 271 10.40 6.31 -0.88
CA LEU B 271 9.48 5.35 -0.24
C LEU B 271 10.06 3.93 -0.30
N LYS B 272 9.67 3.11 0.67
CA LYS B 272 10.20 1.75 0.85
C LYS B 272 9.18 0.63 0.65
N HIS B 273 7.88 0.93 0.73
CA HIS B 273 6.82 -0.04 0.48
C HIS B 273 5.70 0.64 -0.31
N ALA B 274 4.72 -0.14 -0.73
CA ALA B 274 3.61 0.35 -1.56
C ALA B 274 2.88 1.56 -0.96
N SER B 275 2.56 2.51 -1.83
CA SER B 275 1.81 3.71 -1.45
C SER B 275 0.95 4.17 -2.63
N HIS B 276 -0.34 3.86 -2.58
CA HIS B 276 -1.24 4.04 -3.71
C HIS B 276 -1.77 5.49 -3.78
N ILE B 277 -0.86 6.40 -4.11
CA ILE B 277 -1.13 7.85 -4.01
C ILE B 277 -1.79 8.39 -5.28
N SER B 278 -2.68 9.36 -5.09
CA SER B 278 -3.35 10.07 -6.19
C SER B 278 -2.48 11.24 -6.69
N LYS B 279 -1.99 12.04 -5.73
CA LYS B 279 -1.05 13.13 -6.00
C LYS B 279 0.14 13.06 -5.04
N LEU B 280 1.14 13.89 -5.29
CA LEU B 280 2.35 13.92 -4.47
C LEU B 280 2.17 14.86 -3.27
N PRO B 281 3.03 14.72 -2.23
CA PRO B 281 3.14 15.76 -1.22
C PRO B 281 3.61 17.07 -1.86
N LYS B 282 3.13 18.20 -1.33
CA LYS B 282 3.37 19.50 -1.93
C LYS B 282 4.87 19.81 -1.90
N GLY B 283 5.44 20.11 -3.07
CA GLY B 283 6.88 20.35 -3.20
C GLY B 283 7.68 19.19 -3.79
N LYS B 284 7.13 17.98 -3.73
CA LYS B 284 7.76 16.79 -4.33
C LYS B 284 7.34 16.68 -5.80
N HIS B 285 8.27 16.21 -6.64
CA HIS B 285 8.05 16.07 -8.10
C HIS B 285 8.11 14.64 -8.64
N SER B 286 8.61 13.69 -7.85
CA SER B 286 8.63 12.27 -8.22
C SER B 286 8.67 11.37 -6.99
N VAL B 287 8.46 10.06 -7.20
CA VAL B 287 8.65 9.04 -6.16
C VAL B 287 9.91 8.24 -6.49
N LYS B 288 10.69 7.92 -5.47
CA LYS B 288 11.79 6.98 -5.59
C LYS B 288 11.52 5.78 -4.69
N GLY B 289 11.34 4.62 -5.30
CA GLY B 289 11.32 3.36 -4.57
C GLY B 289 12.74 2.99 -4.19
N LEU B 290 13.06 3.07 -2.89
CA LEU B 290 14.42 2.81 -2.42
C LEU B 290 14.74 1.31 -2.48
N GLY B 291 15.50 0.93 -3.50
CA GLY B 291 15.93 -0.45 -3.68
C GLY B 291 17.03 -0.87 -2.74
N LYS B 292 17.15 -2.17 -2.55
CA LYS B 292 18.19 -2.78 -1.71
C LYS B 292 19.57 -2.66 -2.36
N THR B 293 19.60 -2.91 -3.68
CA THR B 293 20.81 -2.75 -4.50
C THR B 293 20.66 -1.50 -5.36
N THR B 294 21.77 -0.79 -5.58
CA THR B 294 21.76 0.49 -6.30
C THR B 294 23.07 0.70 -7.09
N PRO B 295 22.99 1.45 -8.22
CA PRO B 295 24.22 1.91 -8.90
C PRO B 295 25.08 2.82 -8.01
N ASP B 296 26.41 2.70 -8.16
CA ASP B 296 27.36 3.42 -7.31
C ASP B 296 27.31 4.94 -7.58
N PRO B 297 27.11 5.76 -6.51
CA PRO B 297 27.14 7.22 -6.65
C PRO B 297 28.45 7.81 -7.23
N SER B 298 29.58 7.16 -6.94
CA SER B 298 30.89 7.57 -7.48
C SER B 298 30.98 7.43 -9.01
N ALA B 299 30.39 6.35 -9.54
CA ALA B 299 30.44 6.04 -10.96
C ALA B 299 29.25 6.62 -11.74
N ASN B 300 29.11 7.94 -11.72
CA ASN B 300 28.10 8.67 -12.50
C ASN B 300 28.77 9.45 -13.62
N ILE B 301 28.20 9.36 -14.82
CA ILE B 301 28.74 10.03 -16.01
C ILE B 301 27.66 10.91 -16.63
N SER B 302 28.07 12.07 -17.14
CA SER B 302 27.17 12.99 -17.85
C SER B 302 27.03 12.57 -19.30
N LEU B 303 25.81 12.70 -19.84
CA LEU B 303 25.54 12.51 -21.26
C LEU B 303 24.52 13.56 -21.70
N ASP B 304 24.99 14.60 -22.39
CA ASP B 304 24.18 15.75 -22.82
C ASP B 304 23.55 16.49 -21.62
N GLY B 305 24.35 16.70 -20.58
CA GLY B 305 23.90 17.38 -19.36
C GLY B 305 22.92 16.60 -18.50
N VAL B 306 22.95 15.27 -18.62
CA VAL B 306 22.05 14.38 -17.88
C VAL B 306 22.87 13.29 -17.21
N ASP B 307 22.60 13.04 -15.93
CA ASP B 307 23.32 11.99 -15.17
C ASP B 307 22.92 10.60 -15.65
N VAL B 308 23.89 9.69 -15.63
CA VAL B 308 23.71 8.31 -16.06
C VAL B 308 24.22 7.40 -14.92
N PRO B 309 23.30 6.84 -14.12
CA PRO B 309 23.73 5.96 -13.03
C PRO B 309 24.09 4.56 -13.54
N LEU B 310 25.28 4.45 -14.13
CA LEU B 310 25.71 3.20 -14.79
C LEU B 310 26.73 2.39 -13.97
N GLY B 311 26.83 2.65 -12.68
CA GLY B 311 27.73 1.90 -11.80
C GLY B 311 27.19 0.51 -11.49
N THR B 312 28.10 -0.39 -11.08
CA THR B 312 27.73 -1.76 -10.69
C THR B 312 26.99 -1.79 -9.34
N GLY B 313 26.40 -2.94 -9.03
CA GLY B 313 25.49 -3.08 -7.89
C GLY B 313 26.13 -3.18 -6.53
N ILE B 314 26.26 -2.03 -5.85
CA ILE B 314 26.68 -1.97 -4.44
C ILE B 314 25.47 -2.06 -3.51
N SER B 315 25.71 -2.19 -2.21
CA SER B 315 24.65 -2.21 -1.21
C SER B 315 24.18 -0.78 -0.91
N SER B 316 22.87 -0.55 -1.02
CA SER B 316 22.29 0.77 -0.74
C SER B 316 22.32 1.13 0.74
N GLY B 317 22.30 0.13 1.62
CA GLY B 317 22.25 0.33 3.06
C GLY B 317 20.87 0.75 3.56
N VAL B 318 19.82 0.27 2.90
CA VAL B 318 18.43 0.47 3.33
C VAL B 318 17.94 -0.84 3.97
N ASN B 319 17.24 -0.70 5.09
CA ASN B 319 16.89 -1.85 5.94
C ASN B 319 15.55 -2.50 5.59
N ASP B 320 14.45 -1.80 5.85
CA ASP B 320 13.10 -2.34 5.64
C ASP B 320 12.52 -1.81 4.33
N THR B 321 12.75 -2.55 3.24
CA THR B 321 12.22 -2.21 1.91
C THR B 321 11.80 -3.46 1.14
N SER B 322 10.66 -3.37 0.44
CA SER B 322 10.15 -4.45 -0.39
C SER B 322 10.99 -4.68 -1.65
N LEU B 323 11.57 -3.61 -2.18
CA LEU B 323 12.16 -3.62 -3.51
C LEU B 323 13.59 -4.15 -3.52
N LEU B 324 13.86 -5.05 -4.46
CA LEU B 324 15.21 -5.56 -4.69
C LEU B 324 16.09 -4.47 -5.32
N TYR B 325 15.55 -3.76 -6.31
CA TYR B 325 16.27 -2.72 -7.05
C TYR B 325 15.46 -1.43 -7.09
N ASN B 326 16.13 -0.34 -7.43
CA ASN B 326 15.52 1.00 -7.45
C ASN B 326 14.39 1.16 -8.48
N GLU B 327 13.60 2.20 -8.28
CA GLU B 327 12.37 2.44 -9.04
C GLU B 327 12.07 3.93 -8.99
N TYR B 328 11.66 4.51 -10.12
CA TYR B 328 11.41 5.96 -10.22
C TYR B 328 10.09 6.21 -10.92
N ILE B 329 9.24 7.06 -10.34
CA ILE B 329 7.90 7.33 -10.88
C ILE B 329 7.62 8.83 -10.95
N VAL B 330 7.11 9.28 -12.10
CA VAL B 330 6.63 10.66 -12.29
C VAL B 330 5.14 10.65 -12.60
N TYR B 331 4.44 11.72 -12.22
CA TYR B 331 2.97 11.81 -12.33
C TYR B 331 2.50 12.92 -13.26
N ASP B 332 3.43 13.51 -14.01
CA ASP B 332 3.11 14.39 -15.13
C ASP B 332 3.84 13.83 -16.36
N ILE B 333 3.12 13.68 -17.47
CA ILE B 333 3.67 13.12 -18.71
C ILE B 333 4.77 14.01 -19.32
N ALA B 334 4.69 15.31 -19.08
CA ALA B 334 5.68 16.28 -19.56
C ALA B 334 7.06 16.17 -18.90
N GLN B 335 7.16 15.50 -17.76
CA GLN B 335 8.46 15.29 -17.07
C GLN B 335 9.38 14.24 -17.73
N VAL B 336 8.91 13.62 -18.83
CA VAL B 336 9.70 12.66 -19.59
C VAL B 336 9.99 13.23 -20.98
N ASN B 337 11.25 13.09 -21.40
CA ASN B 337 11.67 13.32 -22.79
C ASN B 337 12.41 12.08 -23.25
N LEU B 338 11.83 11.34 -24.19
CA LEU B 338 12.41 10.09 -24.69
C LEU B 338 13.62 10.41 -25.56
N LYS B 339 14.73 9.73 -25.28
CA LYS B 339 15.99 9.98 -25.97
C LYS B 339 16.36 8.81 -26.90
N TYR B 340 16.53 7.61 -26.32
CA TYR B 340 16.94 6.44 -27.11
C TYR B 340 15.95 5.27 -27.04
N LEU B 341 16.09 4.36 -28.00
CA LEU B 341 15.38 3.09 -28.01
C LEU B 341 16.36 1.99 -28.42
N LEU B 342 16.63 1.06 -27.50
CA LEU B 342 17.52 -0.08 -27.76
C LEU B 342 16.73 -1.30 -28.23
N LYS B 343 17.30 -2.06 -29.16
CA LYS B 343 16.80 -3.39 -29.51
C LYS B 343 17.76 -4.41 -28.91
N LEU B 344 17.22 -5.38 -28.17
CA LEU B 344 18.01 -6.31 -27.39
C LEU B 344 17.68 -7.77 -27.69
N LYS B 345 18.72 -8.59 -27.77
CA LYS B 345 18.60 -10.04 -27.92
C LYS B 345 18.70 -10.65 -26.52
N PHE B 346 17.74 -11.51 -26.17
CA PHE B 346 17.72 -12.21 -24.88
C PHE B 346 18.15 -13.66 -25.08
N ASN B 347 19.41 -13.98 -24.78
CA ASN B 347 19.90 -15.36 -24.87
C ASN B 347 19.58 -16.13 -23.58
N PHE B 348 18.49 -16.88 -23.59
CA PHE B 348 18.02 -17.61 -22.41
C PHE B 348 18.86 -18.86 -22.12
N LYS B 349 19.56 -18.85 -21.00
CA LYS B 349 20.36 -19.99 -20.55
C LYS B 349 19.50 -21.19 -20.13
N THR B 350 18.31 -20.90 -19.60
CA THR B 350 17.35 -21.95 -19.20
C THR B 350 16.70 -22.59 -20.42
OAD 6WZ C . -7.76 -1.07 17.08
CBA 6WZ C . -8.16 -0.05 16.52
NAU 6WZ C . -8.92 0.83 17.28
CAZ 6WZ C . -9.41 2.00 16.72
OAC 6WZ C . -10.09 2.75 17.43
CBB 6WZ C . -9.13 2.26 15.37
CAM 6WZ C . -9.60 3.44 14.76
CAI 6WZ C . -9.32 3.72 13.43
CAJ 6WZ C . -8.56 2.81 12.70
CAN 6WZ C . -8.09 1.65 13.29
CBC 6WZ C . -8.35 1.35 14.63
NBG 6WZ C . -7.87 0.20 15.22
CAR 6WZ C . -7.08 -0.83 14.50
CAW 6WZ C . -5.71 -0.50 14.38
CAO 6WZ C . -4.99 0.02 15.46
CAK 6WZ C . -5.03 -0.78 13.19
CAL 6WZ C . -3.67 -0.49 13.06
CAX 6WZ C . -2.97 0.04 14.13
FAE 6WZ C . -1.63 0.30 14.02
CAY 6WZ C . -3.62 0.29 15.35
CAV 6WZ C . -2.95 0.85 16.45
OAB 6WZ C . -3.31 1.98 16.79
NBE 6WZ C . -1.96 0.18 17.09
CAS 6WZ C . -1.25 0.81 18.23
CBD 6WZ C . -1.33 -0.11 19.46
CAA 6WZ C . -2.79 -0.14 19.97
CAP 6WZ C . -1.48 -1.16 16.71
CAQ 6WZ C . -1.46 -2.05 17.96
NBF 6WZ C . -0.80 -1.46 19.15
CAT 6WZ C . 0.69 -1.48 18.99
CBH 6WZ C . 1.37 -2.48 19.93
FAG 6WZ C . 1.20 -2.10 21.18
FAH 6WZ C . 2.66 -2.51 19.65
FAF 6WZ C . 0.88 -3.69 19.74
OAD 6WZ D . 6.48 -1.83 -17.43
CBA 6WZ D . 7.38 -1.48 -16.65
NAU 6WZ D . 8.61 -1.10 -17.23
CAZ 6WZ D . 9.67 -0.70 -16.43
OAC 6WZ D . 10.74 -0.38 -16.96
CBB 6WZ D . 9.49 -0.68 -15.04
CAM 6WZ D . 10.54 -0.27 -14.22
CAI 6WZ D . 10.38 -0.26 -12.84
CAJ 6WZ D . 9.16 -0.63 -12.28
CAN 6WZ D . 8.11 -1.02 -13.10
CBC 6WZ D . 8.24 -1.06 -14.49
NBG 6WZ D . 7.20 -1.45 -15.31
CAR 6WZ D . 5.88 -1.89 -14.77
CAW 6WZ D . 4.99 -0.81 -14.52
CAO 6WZ D . 4.81 0.26 -15.41
CAK 6WZ D . 4.21 -0.83 -13.35
CAL 6WZ D . 3.31 0.19 -13.09
CAX 6WZ D . 3.15 1.26 -13.98
FAE 6WZ D . 2.28 2.23 -13.70
CAY 6WZ D . 3.90 1.29 -15.15
CAV 6WZ D . 3.80 2.36 -16.08
OAB 6WZ D . 4.85 2.99 -16.28
NBE 6WZ D . 2.66 2.69 -16.73
CAS 6WZ D . 2.63 3.82 -17.69
CBD 6WZ D . 2.32 3.28 -19.07
CAA 6WZ D . 3.49 2.40 -19.57
CAP 6WZ D . 1.35 2.05 -16.58
CAQ 6WZ D . 0.90 1.55 -17.96
NBF 6WZ D . 1.03 2.53 -19.08
CAT 6WZ D . -0.16 3.44 -19.10
CBH 6WZ D . -1.20 3.03 -20.15
FAG 6WZ D . -1.45 1.71 -20.04
FAH 6WZ D . -0.71 3.28 -21.34
FAF 6WZ D . -2.34 3.74 -19.98
#